data_8CP9
#
_entry.id   8CP9
#
_cell.length_a   89.940
_cell.length_b   89.940
_cell.length_c   176.958
_cell.angle_alpha   90.000
_cell.angle_beta   90.000
_cell.angle_gamma   120.000
#
_symmetry.space_group_name_H-M   'P 63'
#
loop_
_entity.id
_entity.type
_entity.pdbx_description
1 polymer 'Anhydro-N-acetylmuramic acid kinase'
2 non-polymer 'PHOSPHOAMINOPHOSPHONIC ACID-ADENYLATE ESTER'
3 non-polymer 'MAGNESIUM ION'
4 water water
#
_entity_poly.entity_id   1
_entity_poly.type   'polypeptide(L)'
_entity_poly.pdbx_seq_one_letter_code
;GAGAGMPRYLGLMSGTSLDGMDIVLIEQGDRTTLLASHYLPMPAGLREDILALCVPGPDEIARAAEVEQRWVALAAQGVR
ELLLQQQMSPDEVRAIGSHGQTIRHEPARHFTVQIGNPALLAELTGIDVVADFRRRDVAAGGQGAPLVPAFHQALFGDDD
TSRAVLNIGGFSNVSLLSPGKPVRGFDCGPGNVLMDAWIHHQRGEHFDRDGAWAASGQVNHALLASLLADEFFAARGPKS
TGRERFNLPWLQEHLARHPALPAADIQATLLELSARSISESLLDAQPDCEEVLVCGGGAFNTALMKRLAMLMPEARVAST
DEYGIPPAWMEGMAFAWLAHRFLERLPGNCPDVTGALGPRTLGALYPA
;
_entity_poly.pdbx_strand_id   A,B
#
loop_
_chem_comp.id
_chem_comp.type
_chem_comp.name
_chem_comp.formula
ANP non-polymer 'PHOSPHOAMINOPHOSPHONIC ACID-ADENYLATE ESTER' 'C10 H17 N6 O12 P3'
MG non-polymer 'MAGNESIUM ION' 'Mg 2'
#
# COMPACT_ATOMS: atom_id res chain seq x y z
N MET A 6 30.20 -6.93 2.95
CA MET A 6 29.46 -7.97 3.71
C MET A 6 28.14 -7.38 4.21
N PRO A 7 27.09 -7.29 3.36
CA PRO A 7 25.94 -6.43 3.69
C PRO A 7 25.28 -6.81 5.03
N ARG A 8 24.84 -5.79 5.78
CA ARG A 8 23.96 -6.01 6.93
C ARG A 8 22.54 -5.50 6.64
N TYR A 9 21.54 -6.25 7.13
CA TYR A 9 20.13 -5.91 6.98
C TYR A 9 19.40 -5.98 8.31
N LEU A 10 18.35 -5.17 8.43
CA LEU A 10 17.43 -5.24 9.54
C LEU A 10 16.18 -6.00 9.12
N GLY A 11 15.67 -6.84 10.03
CA GLY A 11 14.40 -7.52 9.86
C GLY A 11 13.38 -7.04 10.87
N LEU A 12 12.16 -6.72 10.41
CA LEU A 12 11.08 -6.21 11.25
C LEU A 12 9.85 -7.09 11.07
N MET A 13 9.42 -7.70 12.17
CA MET A 13 8.37 -8.68 12.14
C MET A 13 7.35 -8.34 13.23
N SER A 14 6.07 -8.39 12.86
CA SER A 14 5.03 -8.37 13.87
C SER A 14 3.89 -9.25 13.39
N GLY A 15 3.80 -10.45 13.97
CA GLY A 15 2.91 -11.50 13.48
C GLY A 15 1.52 -11.40 14.09
N THR A 16 0.64 -12.36 13.75
CA THR A 16 -0.78 -12.24 14.05
C THR A 16 -1.06 -12.41 15.54
N SER A 17 -0.11 -12.96 16.31
CA SER A 17 -0.30 -13.14 17.74
C SER A 17 -0.37 -11.77 18.45
N LEU A 18 0.35 -10.78 17.89
CA LEU A 18 0.33 -9.41 18.36
C LEU A 18 1.03 -9.33 19.72
N ASP A 19 2.06 -10.14 19.90
CA ASP A 19 2.80 -10.15 21.17
C ASP A 19 3.69 -8.91 21.26
N GLY A 20 4.16 -8.46 20.10
CA GLY A 20 5.16 -7.41 20.05
C GLY A 20 5.90 -7.44 18.72
N MET A 21 6.86 -6.54 18.60
CA MET A 21 7.59 -6.44 17.36
C MET A 21 8.98 -7.02 17.54
N ASP A 22 9.40 -7.75 16.52
CA ASP A 22 10.68 -8.41 16.47
C ASP A 22 11.58 -7.53 15.61
N ILE A 23 12.73 -7.13 16.16
CA ILE A 23 13.71 -6.45 15.33
C ILE A 23 15.02 -7.23 15.42
N VAL A 24 15.53 -7.63 14.25
CA VAL A 24 16.77 -8.40 14.16
C VAL A 24 17.70 -7.72 13.17
N LEU A 25 18.99 -7.86 13.44
CA LEU A 25 20.05 -7.42 12.55
C LEU A 25 20.80 -8.68 12.11
N ILE A 26 21.03 -8.83 10.81
CA ILE A 26 21.79 -9.94 10.28
C ILE A 26 22.96 -9.42 9.44
N GLU A 27 23.98 -10.29 9.26
CA GLU A 27 24.97 -10.14 8.20
C GLU A 27 24.73 -11.23 7.16
N GLN A 28 24.63 -10.80 5.88
CA GLN A 28 24.47 -11.77 4.81
C GLN A 28 25.81 -11.89 4.07
N GLY A 29 26.39 -13.09 4.18
CA GLY A 29 27.57 -13.46 3.43
C GLY A 29 27.35 -14.78 2.73
N ASP A 30 28.32 -15.71 2.88
CA ASP A 30 28.14 -17.07 2.39
C ASP A 30 27.01 -17.74 3.18
N ARG A 31 26.58 -17.12 4.28
CA ARG A 31 25.33 -17.51 4.93
C ARG A 31 24.74 -16.32 5.71
N THR A 32 23.72 -16.61 6.52
CA THR A 32 23.06 -15.63 7.34
C THR A 32 23.52 -15.78 8.79
N THR A 33 24.12 -14.73 9.36
CA THR A 33 24.45 -14.72 10.78
C THR A 33 23.61 -13.66 11.49
N LEU A 34 22.91 -14.07 12.55
CA LEU A 34 22.28 -13.15 13.48
C LEU A 34 23.34 -12.40 14.26
N LEU A 35 23.25 -11.05 14.23
CA LEU A 35 24.14 -10.18 14.99
C LEU A 35 23.46 -9.69 16.27
N ALA A 36 22.18 -9.29 16.17
CA ALA A 36 21.49 -8.71 17.32
C ALA A 36 19.98 -8.90 17.23
N SER A 37 19.35 -8.93 18.42
CA SER A 37 17.90 -8.99 18.55
C SER A 37 17.43 -7.85 19.46
N HIS A 38 16.25 -7.33 19.16
CA HIS A 38 15.57 -6.33 19.98
C HIS A 38 14.08 -6.64 19.88
N TYR A 39 13.47 -6.90 21.03
CA TYR A 39 12.04 -7.13 21.15
C TYR A 39 11.37 -5.87 21.70
N LEU A 40 10.25 -5.47 21.07
CA LEU A 40 9.37 -4.44 21.60
C LEU A 40 8.06 -5.07 22.08
N PRO A 41 7.61 -4.89 23.36
CA PRO A 41 6.25 -5.25 23.72
C PRO A 41 5.26 -4.39 22.93
N MET A 42 4.13 -4.99 22.52
CA MET A 42 3.12 -4.23 21.81
C MET A 42 2.32 -3.46 22.86
N PRO A 43 2.25 -2.12 22.84
CA PRO A 43 1.27 -1.40 23.66
C PRO A 43 -0.11 -2.02 23.53
N ALA A 44 -0.74 -2.29 24.68
CA ALA A 44 -2.10 -2.81 24.73
C ALA A 44 -3.10 -2.00 23.89
N GLY A 45 -2.89 -0.69 23.79
CA GLY A 45 -3.70 0.17 22.92
C GLY A 45 -3.64 -0.27 21.45
N LEU A 46 -2.43 -0.27 20.91
CA LEU A 46 -2.15 -0.65 19.53
C LEU A 46 -2.62 -2.07 19.26
N ARG A 47 -2.36 -2.99 20.19
CA ARG A 47 -2.73 -4.39 20.00
C ARG A 47 -4.22 -4.49 19.69
N GLU A 48 -5.05 -3.82 20.51
CA GLU A 48 -6.50 -3.89 20.38
C GLU A 48 -6.96 -3.14 19.12
N ASP A 49 -6.26 -2.06 18.78
CA ASP A 49 -6.63 -1.29 17.60
C ASP A 49 -6.30 -2.06 16.31
N ILE A 50 -5.29 -2.92 16.35
CA ILE A 50 -4.96 -3.76 15.21
C ILE A 50 -5.98 -4.89 15.12
N LEU A 51 -6.31 -5.49 16.27
CA LEU A 51 -7.33 -6.52 16.31
C LEU A 51 -8.65 -5.97 15.79
N ALA A 52 -8.96 -4.71 16.12
CA ALA A 52 -10.15 -4.07 15.63
C ALA A 52 -10.12 -3.88 14.11
N LEU A 53 -8.96 -4.05 13.44
CA LEU A 53 -8.92 -3.87 11.99
C LEU A 53 -8.93 -5.21 11.28
N CYS A 54 -8.90 -6.31 12.05
CA CYS A 54 -8.79 -7.65 11.47
C CYS A 54 -10.16 -8.20 11.09
N VAL A 55 -11.26 -7.53 11.48
CA VAL A 55 -12.60 -7.89 11.07
C VAL A 55 -13.16 -6.72 10.25
N PRO A 56 -14.11 -6.89 9.31
CA PRO A 56 -14.74 -5.75 8.64
C PRO A 56 -15.34 -4.73 9.61
N GLY A 57 -15.21 -3.43 9.29
CA GLY A 57 -15.67 -2.40 10.19
C GLY A 57 -15.86 -1.07 9.48
N PRO A 58 -16.33 -0.02 10.19
CA PRO A 58 -16.44 1.31 9.63
C PRO A 58 -15.08 2.01 9.64
N ASP A 59 -14.98 2.94 8.68
CA ASP A 59 -13.95 3.97 8.60
C ASP A 59 -12.57 3.32 8.67
N GLU A 60 -12.37 2.24 7.91
CA GLU A 60 -11.18 1.40 8.04
C GLU A 60 -9.94 2.09 7.46
N ILE A 61 -10.10 2.94 6.44
CA ILE A 61 -9.01 3.56 5.71
C ILE A 61 -8.34 4.63 6.59
N ALA A 62 -9.13 5.54 7.17
CA ALA A 62 -8.61 6.47 8.14
C ALA A 62 -8.12 5.71 9.38
N ARG A 63 -8.93 4.78 9.91
CA ARG A 63 -8.51 4.07 11.10
C ARG A 63 -7.14 3.42 10.89
N ALA A 64 -6.99 2.66 9.81
CA ALA A 64 -5.79 1.88 9.60
C ALA A 64 -4.60 2.82 9.34
N ALA A 65 -4.85 3.93 8.64
CA ALA A 65 -3.84 4.94 8.36
C ALA A 65 -3.34 5.58 9.65
N GLU A 66 -4.22 5.73 10.65
CA GLU A 66 -3.79 6.28 11.93
C GLU A 66 -3.08 5.22 12.75
N VAL A 67 -3.49 3.95 12.61
CA VAL A 67 -2.89 2.88 13.38
C VAL A 67 -1.47 2.63 12.87
N GLU A 68 -1.27 2.94 11.59
CA GLU A 68 -0.07 2.60 10.86
C GLU A 68 1.03 3.55 11.29
N GLN A 69 0.65 4.82 11.40
CA GLN A 69 1.48 5.87 11.98
C GLN A 69 2.03 5.45 13.33
N ARG A 70 1.15 4.94 14.21
CA ARG A 70 1.57 4.57 15.55
C ARG A 70 2.48 3.36 15.48
N TRP A 71 2.16 2.39 14.60
CA TRP A 71 2.97 1.20 14.43
C TRP A 71 4.37 1.54 13.91
N VAL A 72 4.45 2.46 12.93
CA VAL A 72 5.73 2.80 12.30
C VAL A 72 6.58 3.59 13.30
N ALA A 73 5.90 4.35 14.16
CA ALA A 73 6.60 5.18 15.13
C ALA A 73 7.31 4.27 16.13
N LEU A 74 6.62 3.22 16.56
CA LEU A 74 7.15 2.25 17.51
C LEU A 74 8.24 1.39 16.87
N ALA A 75 8.09 1.04 15.58
CA ALA A 75 9.11 0.27 14.87
C ALA A 75 10.42 1.08 14.71
N ALA A 76 10.35 2.34 14.29
CA ALA A 76 11.53 3.18 14.13
C ALA A 76 12.22 3.46 15.46
N GLN A 77 11.43 3.68 16.53
CA GLN A 77 11.96 3.79 17.88
C GLN A 77 12.82 2.57 18.22
N GLY A 78 12.32 1.39 17.81
CA GLY A 78 13.00 0.13 18.03
C GLY A 78 14.33 0.04 17.27
N VAL A 79 14.30 0.42 15.99
CA VAL A 79 15.46 0.38 15.13
C VAL A 79 16.54 1.32 15.65
N ARG A 80 16.14 2.55 15.94
CA ARG A 80 17.04 3.56 16.47
C ARG A 80 17.69 3.08 17.76
N GLU A 81 16.92 2.40 18.63
CA GLU A 81 17.44 1.95 19.93
C GLU A 81 18.50 0.87 19.74
N LEU A 82 18.15 -0.13 18.91
CA LEU A 82 19.05 -1.22 18.62
C LEU A 82 20.36 -0.70 18.02
N LEU A 83 20.28 0.20 17.02
CA LEU A 83 21.48 0.70 16.37
C LEU A 83 22.39 1.40 17.38
N LEU A 84 21.81 2.32 18.16
CA LEU A 84 22.53 3.03 19.20
C LEU A 84 23.18 2.04 20.16
N GLN A 85 22.40 1.06 20.62
CA GLN A 85 22.85 0.12 21.63
C GLN A 85 23.96 -0.74 21.06
N GLN A 86 23.96 -0.95 19.73
CA GLN A 86 25.01 -1.69 19.04
C GLN A 86 26.11 -0.78 18.52
N GLN A 87 26.10 0.51 18.86
CA GLN A 87 27.11 1.45 18.38
C GLN A 87 27.28 1.35 16.85
N MET A 88 26.16 1.38 16.11
CA MET A 88 26.23 1.55 14.67
C MET A 88 25.28 2.66 14.25
N SER A 89 25.63 3.29 13.12
CA SER A 89 24.78 4.30 12.51
C SER A 89 23.91 3.64 11.44
N PRO A 90 22.82 4.30 10.99
CA PRO A 90 21.97 3.76 9.93
C PRO A 90 22.68 3.43 8.61
N ASP A 91 23.75 4.18 8.28
CA ASP A 91 24.49 3.97 7.05
C ASP A 91 24.99 2.53 6.94
N GLU A 92 25.27 1.88 8.08
CA GLU A 92 25.90 0.57 8.12
C GLU A 92 24.88 -0.52 7.71
N VAL A 93 23.60 -0.18 7.73
CA VAL A 93 22.56 -1.11 7.35
C VAL A 93 22.20 -0.89 5.87
N ARG A 94 22.24 -1.94 5.06
CA ARG A 94 21.85 -1.84 3.66
C ARG A 94 20.32 -1.65 3.54
N ALA A 95 19.54 -2.34 4.36
CA ALA A 95 18.10 -2.22 4.25
C ALA A 95 17.41 -2.89 5.43
N ILE A 96 16.17 -2.45 5.67
CA ILE A 96 15.24 -3.10 6.58
C ILE A 96 14.25 -3.90 5.74
N GLY A 97 14.12 -5.18 6.06
CA GLY A 97 13.00 -6.00 5.60
C GLY A 97 11.82 -5.90 6.56
N SER A 98 10.75 -5.19 6.16
CA SER A 98 9.57 -4.99 6.99
C SER A 98 8.39 -5.86 6.54
N HIS A 99 7.93 -6.76 7.43
CA HIS A 99 6.76 -7.59 7.17
C HIS A 99 5.47 -6.79 7.18
N GLY A 100 5.46 -5.66 7.91
CA GLY A 100 4.23 -4.93 8.13
C GLY A 100 3.39 -5.68 9.17
N GLN A 101 2.12 -5.28 9.30
CA GLN A 101 1.17 -5.99 10.13
C GLN A 101 -0.04 -6.37 9.28
N THR A 102 -0.36 -7.67 9.24
CA THR A 102 -1.47 -8.16 8.43
C THR A 102 -2.77 -7.81 9.13
N ILE A 103 -3.71 -7.17 8.42
CA ILE A 103 -5.03 -6.91 8.98
C ILE A 103 -6.11 -7.70 8.21
N ARG A 104 -5.78 -8.25 7.03
CA ARG A 104 -6.78 -8.98 6.26
C ARG A 104 -6.04 -9.80 5.22
N HIS A 105 -6.18 -11.12 5.30
CA HIS A 105 -5.51 -12.03 4.39
C HIS A 105 -6.58 -12.90 3.76
N GLU A 106 -6.86 -12.68 2.46
CA GLU A 106 -7.90 -13.45 1.79
C GLU A 106 -7.44 -13.86 0.39
N PRO A 107 -6.48 -14.79 0.26
CA PRO A 107 -5.98 -15.22 -1.05
C PRO A 107 -7.10 -15.69 -1.99
N ALA A 108 -8.16 -16.28 -1.43
CA ALA A 108 -9.37 -16.67 -2.13
C ALA A 108 -10.12 -15.48 -2.73
N ARG A 109 -9.79 -14.26 -2.29
CA ARG A 109 -10.35 -13.06 -2.87
C ARG A 109 -9.22 -12.28 -3.53
N HIS A 110 -8.07 -12.96 -3.67
CA HIS A 110 -6.88 -12.47 -4.35
C HIS A 110 -6.41 -11.18 -3.70
N PHE A 111 -6.37 -11.11 -2.37
CA PHE A 111 -5.82 -9.93 -1.71
C PHE A 111 -5.29 -10.27 -0.33
N THR A 112 -4.28 -9.48 0.04
CA THR A 112 -3.63 -9.49 1.34
C THR A 112 -3.27 -8.03 1.61
N VAL A 113 -3.56 -7.57 2.83
CA VAL A 113 -3.39 -6.17 3.22
C VAL A 113 -2.46 -6.19 4.41
N GLN A 114 -1.24 -5.69 4.24
CA GLN A 114 -0.32 -5.52 5.37
C GLN A 114 -0.05 -4.02 5.48
N ILE A 115 -0.21 -3.44 6.67
CA ILE A 115 0.09 -2.03 6.83
C ILE A 115 1.41 -1.87 7.57
N GLY A 116 1.89 -0.61 7.54
CA GLY A 116 3.17 -0.23 8.13
C GLY A 116 3.95 0.75 7.26
N ASN A 117 3.23 1.77 6.73
CA ASN A 117 3.68 2.83 5.84
C ASN A 117 5.20 2.77 5.62
N PRO A 118 5.69 2.07 4.57
CA PRO A 118 7.14 2.01 4.37
C PRO A 118 7.80 3.35 4.07
N ALA A 119 7.09 4.30 3.48
CA ALA A 119 7.67 5.60 3.16
C ALA A 119 8.01 6.37 4.44
N LEU A 120 7.15 6.27 5.44
CA LEU A 120 7.33 6.90 6.75
C LEU A 120 8.35 6.12 7.57
N LEU A 121 8.45 4.81 7.36
CA LEU A 121 9.51 4.05 8.00
C LEU A 121 10.88 4.45 7.43
N ALA A 122 11.01 4.58 6.11
CA ALA A 122 12.27 5.07 5.58
C ALA A 122 12.58 6.48 6.10
N GLU A 123 11.53 7.30 6.28
CA GLU A 123 11.72 8.67 6.71
C GLU A 123 12.26 8.68 8.14
N LEU A 124 11.72 7.83 9.01
CA LEU A 124 12.03 7.88 10.43
C LEU A 124 13.37 7.20 10.73
N THR A 125 13.77 6.20 9.93
CA THR A 125 15.03 5.52 10.22
C THR A 125 16.21 6.02 9.39
N GLY A 126 15.97 6.63 8.22
CA GLY A 126 17.06 6.93 7.30
C GLY A 126 17.70 5.67 6.72
N ILE A 127 16.95 4.55 6.69
CA ILE A 127 17.44 3.32 6.10
C ILE A 127 16.49 2.88 5.00
N ASP A 128 17.02 2.30 3.91
CA ASP A 128 16.15 1.90 2.81
C ASP A 128 15.20 0.85 3.36
N VAL A 129 13.96 0.82 2.86
CA VAL A 129 13.01 -0.18 3.35
C VAL A 129 12.52 -1.02 2.20
N VAL A 130 12.61 -2.34 2.40
CA VAL A 130 11.93 -3.29 1.57
C VAL A 130 10.68 -3.74 2.33
N ALA A 131 9.52 -3.62 1.69
CA ALA A 131 8.25 -3.95 2.32
C ALA A 131 7.32 -4.60 1.31
N ASP A 132 6.17 -5.07 1.82
CA ASP A 132 5.02 -5.49 1.02
C ASP A 132 5.40 -6.70 0.16
N PHE A 133 5.84 -7.76 0.83
CA PHE A 133 6.45 -8.92 0.21
C PHE A 133 5.43 -9.91 -0.38
N ARG A 134 4.18 -9.88 0.10
CA ARG A 134 3.24 -10.95 -0.17
C ARG A 134 2.49 -10.69 -1.47
N ARG A 135 2.47 -9.42 -1.92
CA ARG A 135 1.46 -9.02 -2.89
C ARG A 135 1.79 -9.50 -4.30
N ARG A 136 3.07 -9.59 -4.62
CA ARG A 136 3.45 -10.06 -5.94
C ARG A 136 3.15 -11.55 -6.08
N ASP A 137 3.38 -12.32 -5.00
CA ASP A 137 3.06 -13.74 -4.96
C ASP A 137 1.55 -13.94 -5.08
N VAL A 138 0.74 -13.14 -4.36
CA VAL A 138 -0.71 -13.22 -4.51
C VAL A 138 -1.11 -12.83 -5.94
N ALA A 139 -0.42 -11.85 -6.52
CA ALA A 139 -0.73 -11.33 -7.86
C ALA A 139 -0.49 -12.41 -8.91
N ALA A 140 0.49 -13.29 -8.65
CA ALA A 140 0.80 -14.37 -9.57
C ALA A 140 0.17 -15.68 -9.09
N GLY A 141 -1.00 -15.59 -8.43
CA GLY A 141 -1.87 -16.74 -8.24
C GLY A 141 -1.70 -17.41 -6.87
N GLY A 142 -0.67 -17.02 -6.13
CA GLY A 142 -0.33 -17.70 -4.90
C GLY A 142 -1.25 -17.34 -3.73
N GLN A 143 -0.92 -17.92 -2.57
CA GLN A 143 -1.56 -17.64 -1.29
C GLN A 143 -0.87 -16.49 -0.56
N GLY A 144 0.34 -16.12 -1.00
CA GLY A 144 1.08 -15.02 -0.40
C GLY A 144 1.76 -15.42 0.92
N ALA A 145 1.77 -16.73 1.22
CA ALA A 145 2.24 -17.27 2.48
C ALA A 145 2.25 -18.78 2.40
N PRO A 146 3.09 -19.50 3.20
CA PRO A 146 4.09 -18.88 4.05
C PRO A 146 5.24 -18.41 3.16
N LEU A 147 6.02 -17.43 3.62
CA LEU A 147 7.13 -16.98 2.79
C LEU A 147 8.46 -17.46 3.35
N VAL A 148 8.47 -17.97 4.58
CA VAL A 148 9.70 -18.38 5.24
C VAL A 148 10.35 -19.60 4.59
N PRO A 149 9.64 -20.49 3.86
CA PRO A 149 10.28 -21.71 3.36
C PRO A 149 11.58 -21.52 2.60
N ALA A 150 11.61 -20.51 1.72
CA ALA A 150 12.78 -20.16 0.94
C ALA A 150 13.99 -19.95 1.85
N PHE A 151 13.74 -19.32 2.99
CA PHE A 151 14.75 -18.97 3.97
C PHE A 151 15.15 -20.21 4.77
N HIS A 152 14.14 -20.94 5.26
CA HIS A 152 14.32 -22.22 5.93
C HIS A 152 15.22 -23.14 5.10
N GLN A 153 14.97 -23.18 3.79
CA GLN A 153 15.76 -23.98 2.86
C GLN A 153 17.21 -23.50 2.88
N ALA A 154 17.44 -22.19 2.87
CA ALA A 154 18.78 -21.66 2.73
C ALA A 154 19.54 -21.83 4.05
N LEU A 155 18.81 -21.87 5.17
CA LEU A 155 19.39 -22.07 6.49
C LEU A 155 19.78 -23.54 6.68
N PHE A 156 18.81 -24.44 6.47
CA PHE A 156 18.89 -25.81 6.98
C PHE A 156 18.81 -26.84 5.87
N GLY A 157 18.98 -26.42 4.61
CA GLY A 157 18.82 -27.30 3.47
C GLY A 157 20.00 -28.25 3.30
N ASP A 160 21.12 -34.87 2.35
CA ASP A 160 21.01 -36.02 3.28
C ASP A 160 19.69 -35.96 4.05
N THR A 161 19.58 -35.00 4.98
CA THR A 161 18.55 -35.02 5.99
C THR A 161 17.23 -34.52 5.39
N SER A 162 16.17 -35.32 5.58
CA SER A 162 14.80 -34.90 5.31
C SER A 162 14.27 -34.19 6.54
N ARG A 163 14.27 -32.86 6.50
CA ARG A 163 14.01 -32.04 7.68
C ARG A 163 12.63 -31.40 7.57
N ALA A 164 11.99 -31.22 8.72
CA ALA A 164 10.77 -30.44 8.82
C ALA A 164 11.04 -29.23 9.69
N VAL A 165 10.92 -28.02 9.11
CA VAL A 165 11.08 -26.78 9.85
C VAL A 165 9.69 -26.23 10.13
N LEU A 166 9.37 -26.13 11.42
CA LEU A 166 8.03 -25.88 11.91
C LEU A 166 7.98 -24.54 12.66
N ASN A 167 7.25 -23.55 12.10
CA ASN A 167 6.94 -22.33 12.82
C ASN A 167 5.60 -22.52 13.53
N ILE A 168 5.57 -22.25 14.83
CA ILE A 168 4.35 -22.23 15.62
C ILE A 168 4.22 -20.84 16.22
N GLY A 169 3.56 -19.94 15.48
CA GLY A 169 3.17 -18.63 15.96
C GLY A 169 1.71 -18.63 16.33
N GLY A 170 0.98 -17.58 15.90
CA GLY A 170 -0.47 -17.64 15.86
C GLY A 170 -0.90 -18.95 15.20
N PHE A 171 -0.37 -19.17 14.00
CA PHE A 171 -0.66 -20.38 13.24
C PHE A 171 0.64 -21.17 13.12
N SER A 172 0.54 -22.39 12.57
CA SER A 172 1.71 -23.23 12.34
C SER A 172 1.92 -23.37 10.83
N ASN A 173 3.18 -23.34 10.43
CA ASN A 173 3.55 -23.59 9.05
C ASN A 173 4.74 -24.53 9.07
N VAL A 174 4.81 -25.39 8.06
CA VAL A 174 5.89 -26.36 7.96
C VAL A 174 6.50 -26.26 6.56
N SER A 175 7.83 -26.10 6.54
CA SER A 175 8.66 -26.29 5.36
C SER A 175 9.18 -27.73 5.33
N LEU A 176 8.89 -28.43 4.22
CA LEU A 176 9.40 -29.77 4.02
C LEU A 176 10.61 -29.68 3.10
N LEU A 177 11.77 -29.95 3.69
CA LEU A 177 13.03 -29.94 2.99
C LEU A 177 13.37 -31.39 2.61
N SER A 178 12.82 -31.81 1.46
CA SER A 178 13.09 -33.15 0.94
C SER A 178 14.29 -33.09 0.02
N PRO A 179 15.44 -33.69 0.41
CA PRO A 179 16.61 -33.75 -0.47
C PRO A 179 16.20 -34.27 -1.84
N GLY A 180 16.38 -33.46 -2.89
CA GLY A 180 16.08 -33.86 -4.25
C GLY A 180 14.80 -33.22 -4.78
N LYS A 181 13.70 -33.38 -4.03
CA LYS A 181 12.39 -32.88 -4.44
C LYS A 181 12.31 -31.38 -4.19
N PRO A 182 11.35 -30.67 -4.83
CA PRO A 182 11.13 -29.24 -4.55
C PRO A 182 10.79 -28.99 -3.08
N VAL A 183 11.18 -27.80 -2.61
CA VAL A 183 10.78 -27.33 -1.30
C VAL A 183 9.25 -27.22 -1.29
N ARG A 184 8.61 -27.92 -0.35
CA ARG A 184 7.16 -27.91 -0.21
C ARG A 184 6.78 -27.43 1.19
N GLY A 185 5.48 -27.35 1.45
CA GLY A 185 4.97 -27.03 2.77
C GLY A 185 3.74 -26.15 2.69
N PHE A 186 3.16 -25.86 3.87
CA PHE A 186 1.86 -25.23 3.97
C PHE A 186 1.55 -24.88 5.42
N ASP A 187 0.55 -24.00 5.61
CA ASP A 187 0.00 -23.72 6.91
C ASP A 187 -0.72 -24.97 7.45
N CYS A 188 -0.21 -25.56 8.54
CA CYS A 188 -0.85 -26.71 9.17
C CYS A 188 -2.19 -26.25 9.77
N GLY A 189 -2.18 -25.11 10.46
CA GLY A 189 -3.39 -24.51 11.01
C GLY A 189 -3.12 -23.78 12.31
N PRO A 190 -3.82 -24.11 13.42
CA PRO A 190 -3.70 -23.36 14.66
C PRO A 190 -2.47 -23.78 15.47
N GLY A 191 -1.63 -22.79 15.82
CA GLY A 191 -0.58 -22.96 16.80
C GLY A 191 -1.05 -22.41 18.15
N ASN A 192 -0.68 -21.16 18.40
CA ASN A 192 -0.99 -20.48 19.65
C ASN A 192 -2.33 -19.75 19.57
N VAL A 193 -2.86 -19.53 18.36
CA VAL A 193 -3.98 -18.60 18.19
C VAL A 193 -5.13 -18.94 19.14
N LEU A 194 -5.62 -20.20 19.11
CA LEU A 194 -6.81 -20.54 19.87
C LEU A 194 -6.52 -20.63 21.37
N MET A 195 -5.37 -21.20 21.73
CA MET A 195 -5.00 -21.33 23.13
C MET A 195 -4.81 -19.95 23.76
N ASP A 196 -4.32 -18.97 22.97
CA ASP A 196 -4.17 -17.60 23.40
C ASP A 196 -5.55 -17.00 23.63
N ALA A 197 -6.46 -17.25 22.69
CA ALA A 197 -7.76 -16.63 22.66
C ALA A 197 -8.66 -17.19 23.77
N TRP A 198 -8.49 -18.47 24.12
CA TRP A 198 -9.35 -19.06 25.13
C TRP A 198 -8.94 -18.56 26.51
N ILE A 199 -7.63 -18.52 26.77
CA ILE A 199 -7.14 -18.07 28.06
C ILE A 199 -7.31 -16.56 28.22
N HIS A 200 -7.57 -15.84 27.11
CA HIS A 200 -7.80 -14.41 27.14
C HIS A 200 -9.30 -14.10 27.32
N HIS A 201 -10.14 -14.98 26.76
CA HIS A 201 -11.58 -14.93 27.02
C HIS A 201 -11.82 -15.20 28.50
N GLN A 202 -11.32 -16.33 28.99
CA GLN A 202 -11.57 -16.79 30.34
C GLN A 202 -10.91 -15.86 31.36
N ARG A 203 -9.66 -15.47 31.07
CA ARG A 203 -8.90 -14.63 31.98
C ARG A 203 -8.29 -13.47 31.21
N GLY A 204 -7.48 -12.65 31.89
CA GLY A 204 -6.91 -11.46 31.31
C GLY A 204 -5.81 -11.74 30.29
N GLU A 205 -4.98 -12.77 30.52
CA GLU A 205 -3.65 -12.82 29.91
C GLU A 205 -3.68 -13.35 28.48
N HIS A 206 -2.66 -12.95 27.72
CA HIS A 206 -2.66 -13.09 26.27
C HIS A 206 -2.10 -14.46 25.85
N PHE A 207 -1.62 -15.26 26.82
CA PHE A 207 -1.09 -16.56 26.49
C PHE A 207 -0.89 -17.38 27.75
N ASP A 208 -0.95 -18.71 27.55
CA ASP A 208 -0.83 -19.70 28.60
C ASP A 208 0.65 -20.01 28.78
N ARG A 209 1.31 -19.31 29.69
CA ARG A 209 2.73 -19.46 29.92
C ARG A 209 3.06 -20.93 30.16
N ASP A 210 3.96 -21.47 29.32
CA ASP A 210 4.57 -22.79 29.44
C ASP A 210 3.61 -23.94 29.09
N GLY A 211 2.36 -23.63 28.72
CA GLY A 211 1.34 -24.65 28.59
C GLY A 211 0.88 -25.15 29.96
N ALA A 212 1.06 -24.29 30.97
CA ALA A 212 0.83 -24.65 32.36
C ALA A 212 -0.65 -24.90 32.60
N TRP A 213 -1.50 -24.01 32.05
CA TRP A 213 -2.94 -24.13 32.21
C TRP A 213 -3.44 -25.37 31.48
N ALA A 214 -2.95 -25.55 30.25
CA ALA A 214 -3.31 -26.66 29.40
C ALA A 214 -2.95 -27.99 30.06
N ALA A 215 -1.76 -28.05 30.66
CA ALA A 215 -1.25 -29.31 31.20
C ALA A 215 -2.10 -29.77 32.39
N SER A 216 -2.54 -28.80 33.21
CA SER A 216 -3.40 -29.08 34.34
C SER A 216 -4.66 -29.81 33.89
N GLY A 217 -5.32 -29.26 32.87
CA GLY A 217 -6.58 -29.81 32.38
C GLY A 217 -6.40 -31.18 31.74
N GLN A 218 -7.52 -31.76 31.31
CA GLN A 218 -7.56 -33.06 30.64
C GLN A 218 -8.30 -32.89 29.32
N VAL A 219 -7.76 -33.48 28.24
CA VAL A 219 -8.33 -33.35 26.90
C VAL A 219 -9.74 -33.94 26.89
N ASN A 220 -10.61 -33.40 26.01
CA ASN A 220 -11.92 -33.97 25.76
C ASN A 220 -11.98 -34.51 24.34
N HIS A 221 -12.17 -35.84 24.22
CA HIS A 221 -12.00 -36.56 22.97
C HIS A 221 -13.15 -36.27 22.00
N ALA A 222 -14.34 -35.93 22.54
CA ALA A 222 -15.50 -35.61 21.73
C ALA A 222 -15.32 -34.25 21.05
N LEU A 223 -14.90 -33.26 21.84
CA LEU A 223 -14.58 -31.95 21.30
C LEU A 223 -13.39 -32.10 20.36
N LEU A 224 -12.34 -32.80 20.81
CA LEU A 224 -11.15 -32.99 20.00
C LEU A 224 -11.54 -33.52 18.62
N ALA A 225 -12.42 -34.54 18.59
CA ALA A 225 -12.81 -35.21 17.36
C ALA A 225 -13.58 -34.28 16.43
N SER A 226 -14.30 -33.28 16.98
CA SER A 226 -15.11 -32.41 16.16
C SER A 226 -14.27 -31.34 15.47
N LEU A 227 -13.38 -30.67 16.22
CA LEU A 227 -12.65 -29.52 15.71
C LEU A 227 -11.79 -29.95 14.51
N LEU A 228 -11.13 -31.10 14.66
CA LEU A 228 -10.45 -31.76 13.55
C LEU A 228 -11.41 -31.90 12.36
N ALA A 229 -12.64 -32.34 12.62
CA ALA A 229 -13.66 -32.39 11.58
C ALA A 229 -13.94 -30.96 11.10
N ASP A 230 -13.14 -30.52 10.13
CA ASP A 230 -13.22 -29.18 9.61
C ASP A 230 -12.51 -29.13 8.25
N GLU A 231 -12.97 -28.18 7.42
CA GLU A 231 -12.83 -28.26 5.97
C GLU A 231 -11.41 -27.88 5.57
N PHE A 232 -10.73 -27.10 6.43
CA PHE A 232 -9.37 -26.65 6.18
C PHE A 232 -8.40 -27.83 6.24
N PHE A 233 -8.73 -28.85 7.05
CA PHE A 233 -7.70 -29.78 7.50
C PHE A 233 -7.37 -30.79 6.42
N ALA A 234 -8.38 -31.22 5.65
CA ALA A 234 -8.22 -32.24 4.63
C ALA A 234 -7.54 -31.67 3.37
N ALA A 235 -7.54 -30.34 3.22
CA ALA A 235 -7.00 -29.69 2.03
C ALA A 235 -5.50 -29.95 1.92
N ARG A 236 -5.06 -30.40 0.74
CA ARG A 236 -3.68 -30.77 0.48
C ARG A 236 -2.99 -29.60 -0.24
N GLY A 237 -1.66 -29.53 -0.12
CA GLY A 237 -0.87 -28.62 -0.93
C GLY A 237 -1.10 -27.14 -0.58
N PRO A 238 -0.85 -26.20 -1.52
CA PRO A 238 -0.98 -24.76 -1.27
C PRO A 238 -2.24 -24.33 -0.53
N LYS A 239 -2.06 -23.94 0.74
CA LYS A 239 -3.14 -23.44 1.58
C LYS A 239 -2.58 -22.45 2.60
N SER A 240 -3.27 -21.31 2.75
CA SER A 240 -2.94 -20.35 3.80
C SER A 240 -4.05 -20.34 4.84
N THR A 241 -3.68 -20.39 6.11
CA THR A 241 -4.65 -20.49 7.19
C THR A 241 -5.75 -19.46 6.95
N GLY A 242 -7.01 -19.91 6.99
CA GLY A 242 -8.13 -19.03 6.73
C GLY A 242 -9.09 -19.59 5.69
N ARG A 243 -8.71 -20.70 5.03
CA ARG A 243 -9.69 -21.50 4.29
C ARG A 243 -10.78 -21.89 5.29
N GLU A 244 -10.40 -22.00 6.57
CA GLU A 244 -11.33 -21.88 7.68
C GLU A 244 -10.68 -20.97 8.73
N ARG A 245 -11.38 -19.89 9.12
CA ARG A 245 -10.81 -18.94 10.06
C ARG A 245 -10.92 -19.53 11.46
N PHE A 246 -9.78 -20.08 11.93
CA PHE A 246 -9.65 -20.53 13.31
C PHE A 246 -9.65 -19.31 14.21
N ASN A 247 -10.76 -19.10 14.92
CA ASN A 247 -10.92 -17.97 15.82
C ASN A 247 -11.87 -18.37 16.95
N LEU A 248 -12.08 -17.45 17.90
CA LEU A 248 -12.89 -17.71 19.08
C LEU A 248 -14.35 -18.02 18.69
N PRO A 249 -15.05 -17.18 17.89
CA PRO A 249 -16.38 -17.54 17.37
C PRO A 249 -16.46 -18.92 16.73
N TRP A 250 -15.37 -19.37 16.12
CA TRP A 250 -15.29 -20.70 15.53
C TRP A 250 -15.41 -21.75 16.64
N LEU A 251 -14.78 -21.49 17.79
CA LEU A 251 -14.70 -22.46 18.87
C LEU A 251 -15.98 -22.49 19.68
N GLN A 252 -16.51 -21.31 20.00
CA GLN A 252 -17.63 -21.21 20.91
C GLN A 252 -18.84 -21.93 20.31
N GLU A 253 -19.04 -21.71 19.01
CA GLU A 253 -19.96 -22.53 18.22
C GLU A 253 -19.79 -24.01 18.57
N HIS A 254 -18.58 -24.54 18.38
CA HIS A 254 -18.31 -25.94 18.61
C HIS A 254 -18.57 -26.31 20.07
N LEU A 255 -18.28 -25.37 20.99
CA LEU A 255 -18.54 -25.58 22.40
C LEU A 255 -20.04 -25.70 22.63
N ALA A 256 -20.81 -24.86 21.92
CA ALA A 256 -22.25 -24.74 22.11
C ALA A 256 -22.97 -26.03 21.70
N ARG A 257 -22.45 -26.76 20.71
CA ARG A 257 -23.11 -27.93 20.17
C ARG A 257 -22.78 -29.16 21.02
N HIS A 258 -21.82 -29.03 21.94
CA HIS A 258 -21.53 -30.07 22.92
C HIS A 258 -22.07 -29.65 24.29
N PRO A 259 -22.10 -30.56 25.30
CA PRO A 259 -22.40 -30.17 26.67
C PRO A 259 -21.25 -29.41 27.33
N ALA A 260 -21.55 -28.71 28.43
CA ALA A 260 -20.60 -27.83 29.11
C ALA A 260 -19.38 -28.62 29.58
N LEU A 261 -18.25 -27.92 29.71
CA LEU A 261 -16.97 -28.53 30.05
C LEU A 261 -16.15 -27.54 30.89
N PRO A 262 -15.12 -28.01 31.62
CA PRO A 262 -14.22 -27.12 32.34
C PRO A 262 -13.33 -26.32 31.40
N ALA A 263 -12.87 -25.15 31.85
CA ALA A 263 -12.08 -24.26 31.03
C ALA A 263 -10.74 -24.92 30.68
N ALA A 264 -10.07 -25.49 31.69
CA ALA A 264 -8.74 -26.06 31.52
C ALA A 264 -8.77 -27.28 30.59
N ASP A 265 -9.90 -28.00 30.58
CA ASP A 265 -10.07 -29.13 29.68
C ASP A 265 -10.10 -28.62 28.24
N ILE A 266 -10.92 -27.59 28.00
CA ILE A 266 -10.99 -26.91 26.71
C ILE A 266 -9.59 -26.50 26.27
N GLN A 267 -8.80 -25.89 27.17
CA GLN A 267 -7.44 -25.51 26.85
C GLN A 267 -6.63 -26.74 26.42
N ALA A 268 -6.75 -27.81 27.21
CA ALA A 268 -6.02 -29.05 26.95
C ALA A 268 -6.38 -29.62 25.58
N THR A 269 -7.67 -29.52 25.22
CA THR A 269 -8.16 -29.99 23.94
C THR A 269 -7.60 -29.14 22.79
N LEU A 270 -7.62 -27.81 22.96
CA LEU A 270 -6.99 -26.89 22.02
C LEU A 270 -5.52 -27.22 21.82
N LEU A 271 -4.81 -27.53 22.91
CA LEU A 271 -3.42 -27.89 22.81
C LEU A 271 -3.28 -29.08 21.88
N GLU A 272 -4.09 -30.12 22.12
CA GLU A 272 -4.04 -31.34 21.34
C GLU A 272 -4.33 -31.05 19.86
N LEU A 273 -5.31 -30.17 19.58
CA LEU A 273 -5.72 -29.87 18.22
C LEU A 273 -4.55 -29.34 17.40
N SER A 274 -3.70 -28.48 18.00
CA SER A 274 -2.51 -27.97 17.34
C SER A 274 -1.51 -29.10 17.10
N ALA A 275 -1.23 -29.88 18.15
CA ALA A 275 -0.27 -30.98 18.03
C ALA A 275 -0.68 -31.93 16.90
N ARG A 276 -1.98 -32.27 16.82
CA ARG A 276 -2.45 -33.31 15.93
C ARG A 276 -2.45 -32.83 14.48
N SER A 277 -3.09 -31.67 14.23
CA SER A 277 -3.17 -31.11 12.88
C SER A 277 -1.76 -31.03 12.27
N ILE A 278 -0.79 -30.65 13.11
CA ILE A 278 0.61 -30.60 12.71
C ILE A 278 1.08 -32.01 12.32
N SER A 279 0.96 -32.96 13.26
CA SER A 279 1.43 -34.32 13.05
C SER A 279 0.94 -34.84 11.70
N GLU A 280 -0.39 -34.89 11.56
CA GLU A 280 -1.02 -35.59 10.46
C GLU A 280 -0.68 -34.89 9.14
N SER A 281 -0.80 -33.55 9.12
CA SER A 281 -0.49 -32.81 7.90
C SER A 281 0.99 -32.95 7.54
N LEU A 282 1.85 -32.95 8.56
CA LEU A 282 3.29 -33.02 8.38
C LEU A 282 3.68 -34.41 7.89
N LEU A 283 3.18 -35.44 8.58
CA LEU A 283 3.53 -36.83 8.27
C LEU A 283 2.93 -37.25 6.94
N ASP A 284 1.71 -36.81 6.63
CA ASP A 284 1.11 -37.14 5.35
C ASP A 284 2.16 -36.89 4.27
N ALA A 285 2.69 -35.66 4.26
CA ALA A 285 3.52 -35.16 3.18
C ALA A 285 4.98 -35.63 3.29
N GLN A 286 5.43 -36.08 4.47
CA GLN A 286 6.83 -36.44 4.65
C GLN A 286 6.99 -37.42 5.80
N PRO A 287 6.55 -38.69 5.67
CA PRO A 287 6.69 -39.68 6.75
C PRO A 287 8.14 -40.10 6.95
N ASP A 288 8.97 -39.85 5.93
CA ASP A 288 10.42 -40.04 5.98
C ASP A 288 11.10 -39.02 6.89
N CYS A 289 10.38 -37.98 7.31
CA CYS A 289 10.97 -36.88 8.07
C CYS A 289 11.77 -37.41 9.25
N GLU A 290 12.98 -36.86 9.44
CA GLU A 290 13.92 -37.34 10.44
C GLU A 290 13.99 -36.36 11.61
N GLU A 291 14.06 -35.05 11.31
CA GLU A 291 14.09 -34.01 12.33
C GLU A 291 12.92 -33.04 12.11
N VAL A 292 12.31 -32.64 13.23
CA VAL A 292 11.29 -31.60 13.29
C VAL A 292 11.89 -30.39 14.00
N LEU A 293 12.28 -29.36 13.24
CA LEU A 293 12.89 -28.16 13.82
C LEU A 293 11.82 -27.09 14.06
N VAL A 294 11.71 -26.64 15.31
CA VAL A 294 10.55 -25.88 15.75
C VAL A 294 11.00 -24.47 16.09
N CYS A 295 10.29 -23.47 15.53
CA CYS A 295 10.55 -22.07 15.86
C CYS A 295 9.26 -21.34 16.19
N GLY A 296 9.41 -20.04 16.49
CA GLY A 296 8.30 -19.23 16.95
C GLY A 296 7.98 -19.56 18.40
N GLY A 297 7.10 -18.76 18.98
CA GLY A 297 6.83 -18.78 20.41
C GLY A 297 6.27 -20.11 20.91
N GLY A 298 5.63 -20.88 20.02
CA GLY A 298 5.11 -22.18 20.40
C GLY A 298 6.17 -23.15 20.92
N ALA A 299 7.46 -22.86 20.65
CA ALA A 299 8.55 -23.73 21.06
C ALA A 299 8.88 -23.55 22.53
N PHE A 300 8.43 -22.46 23.15
CA PHE A 300 8.62 -22.22 24.57
C PHE A 300 7.41 -22.77 25.35
N ASN A 301 6.51 -23.45 24.63
CA ASN A 301 5.40 -24.15 25.25
C ASN A 301 5.85 -25.58 25.52
N THR A 302 6.10 -25.90 26.79
CA THR A 302 6.70 -27.16 27.17
C THR A 302 5.76 -28.32 26.83
N ALA A 303 4.48 -28.17 27.20
CA ALA A 303 3.48 -29.18 26.94
C ALA A 303 3.45 -29.53 25.46
N LEU A 304 3.14 -28.51 24.62
CA LEU A 304 2.97 -28.70 23.19
C LEU A 304 4.18 -29.38 22.57
N MET A 305 5.38 -29.05 23.04
CA MET A 305 6.62 -29.59 22.50
C MET A 305 6.74 -31.09 22.83
N LYS A 306 6.59 -31.41 24.11
CA LYS A 306 6.60 -32.80 24.57
C LYS A 306 5.55 -33.62 23.81
N ARG A 307 4.38 -33.03 23.51
CA ARG A 307 3.28 -33.76 22.89
C ARG A 307 3.54 -34.01 21.41
N LEU A 308 4.20 -33.08 20.71
CA LEU A 308 4.50 -33.24 19.30
C LEU A 308 5.52 -34.38 19.10
N ALA A 309 6.48 -34.43 20.01
CA ALA A 309 7.46 -35.51 20.10
C ALA A 309 6.76 -36.86 19.96
N MET A 310 5.75 -37.06 20.82
CA MET A 310 5.05 -38.33 20.93
C MET A 310 4.29 -38.64 19.64
N LEU A 311 3.58 -37.63 19.11
CA LEU A 311 2.78 -37.80 17.92
C LEU A 311 3.65 -38.06 16.70
N MET A 312 4.93 -37.70 16.79
CA MET A 312 5.86 -37.93 15.69
C MET A 312 7.08 -38.67 16.25
N PRO A 313 6.95 -39.99 16.53
CA PRO A 313 7.99 -40.76 17.21
C PRO A 313 9.21 -41.03 16.33
N GLU A 314 8.97 -41.25 15.03
CA GLU A 314 10.00 -41.71 14.12
C GLU A 314 10.99 -40.59 13.80
N ALA A 315 10.92 -39.47 14.54
CA ALA A 315 11.79 -38.32 14.27
C ALA A 315 12.01 -37.49 15.53
N ARG A 316 13.09 -36.70 15.51
CA ARG A 316 13.53 -35.93 16.67
C ARG A 316 12.96 -34.50 16.58
N VAL A 317 12.40 -34.03 17.70
CA VAL A 317 11.63 -32.80 17.78
C VAL A 317 12.33 -31.83 18.73
N ALA A 318 13.06 -30.86 18.17
CA ALA A 318 13.91 -29.95 18.94
C ALA A 318 13.79 -28.53 18.36
N SER A 319 13.89 -27.52 19.23
CA SER A 319 13.75 -26.14 18.77
C SER A 319 15.09 -25.69 18.17
N THR A 320 15.03 -24.62 17.38
CA THR A 320 16.11 -24.26 16.48
C THR A 320 17.34 -23.73 17.23
N ASP A 321 17.25 -23.54 18.55
CA ASP A 321 18.39 -23.07 19.30
C ASP A 321 19.52 -24.10 19.28
N GLU A 322 19.16 -25.39 19.15
CA GLU A 322 20.16 -26.45 19.14
C GLU A 322 20.88 -26.51 17.79
N TYR A 323 20.36 -25.81 16.78
CA TYR A 323 21.05 -25.67 15.51
C TYR A 323 21.51 -24.23 15.35
N GLY A 324 21.66 -23.53 16.47
CA GLY A 324 22.27 -22.21 16.52
C GLY A 324 21.41 -21.14 15.87
N ILE A 325 20.11 -21.12 16.19
CA ILE A 325 19.21 -20.03 15.85
C ILE A 325 18.09 -19.98 16.88
N PRO A 326 18.04 -18.93 17.74
CA PRO A 326 16.98 -18.80 18.73
C PRO A 326 15.60 -18.87 18.06
N PRO A 327 14.64 -19.65 18.59
CA PRO A 327 13.32 -19.78 17.95
C PRO A 327 12.61 -18.45 17.67
N ALA A 328 12.77 -17.48 18.58
CA ALA A 328 11.98 -16.26 18.53
C ALA A 328 12.28 -15.41 17.29
N TRP A 329 13.48 -15.51 16.72
CA TRP A 329 13.96 -14.51 15.78
C TRP A 329 14.04 -15.04 14.35
N MET A 330 13.48 -16.23 14.12
CA MET A 330 13.52 -16.88 12.82
C MET A 330 12.71 -16.09 11.80
N GLU A 331 11.50 -15.64 12.15
CA GLU A 331 10.67 -14.88 11.22
C GLU A 331 11.37 -13.56 10.86
N GLY A 332 11.88 -12.84 11.87
CA GLY A 332 12.53 -11.56 11.64
C GLY A 332 13.72 -11.70 10.71
N MET A 333 14.49 -12.77 10.92
CA MET A 333 15.68 -12.99 10.10
C MET A 333 15.24 -13.25 8.66
N ALA A 334 14.07 -13.88 8.48
CA ALA A 334 13.56 -14.18 7.16
C ALA A 334 13.17 -12.92 6.39
N PHE A 335 12.69 -11.87 7.07
CA PHE A 335 12.33 -10.66 6.35
C PHE A 335 13.55 -9.81 6.05
N ALA A 336 14.58 -9.87 6.90
CA ALA A 336 15.84 -9.22 6.58
C ALA A 336 16.46 -9.88 5.33
N TRP A 337 16.37 -11.21 5.27
CA TRP A 337 16.88 -12.01 4.16
C TRP A 337 16.06 -11.76 2.90
N LEU A 338 14.76 -11.48 3.04
CA LEU A 338 13.95 -11.15 1.88
C LEU A 338 14.33 -9.80 1.27
N ALA A 339 14.75 -8.84 2.08
CA ALA A 339 15.28 -7.59 1.55
C ALA A 339 16.56 -7.83 0.75
N HIS A 340 17.40 -8.76 1.22
CA HIS A 340 18.58 -9.16 0.47
C HIS A 340 18.16 -9.70 -0.90
N ARG A 341 17.25 -10.67 -0.89
CA ARG A 341 16.77 -11.29 -2.12
C ARG A 341 16.18 -10.23 -3.04
N PHE A 342 15.38 -9.31 -2.49
CA PHE A 342 14.82 -8.26 -3.34
C PHE A 342 15.97 -7.48 -3.97
N LEU A 343 16.97 -7.09 -3.17
CA LEU A 343 18.03 -6.21 -3.65
C LEU A 343 18.99 -6.96 -4.60
N GLU A 344 19.03 -8.30 -4.53
CA GLU A 344 19.81 -9.11 -5.47
C GLU A 344 18.97 -9.63 -6.64
N ARG A 345 17.66 -9.28 -6.68
CA ARG A 345 16.71 -9.72 -7.69
C ARG A 345 16.62 -11.24 -7.75
N LEU A 346 16.76 -11.89 -6.59
CA LEU A 346 16.63 -13.34 -6.49
C LEU A 346 15.23 -13.70 -5.99
N PRO A 347 14.61 -14.79 -6.50
CA PRO A 347 13.25 -15.15 -6.12
C PRO A 347 13.04 -15.16 -4.60
N GLY A 348 11.81 -14.85 -4.17
CA GLY A 348 11.46 -14.81 -2.76
C GLY A 348 10.56 -15.98 -2.37
N ASN A 349 9.59 -16.29 -3.23
CA ASN A 349 8.61 -17.33 -2.96
C ASN A 349 9.19 -18.70 -3.32
N CYS A 350 8.56 -19.75 -2.80
CA CYS A 350 8.66 -21.09 -3.34
C CYS A 350 7.30 -21.44 -3.91
N PRO A 351 7.16 -21.50 -5.25
CA PRO A 351 5.84 -21.56 -5.89
C PRO A 351 5.02 -22.82 -5.59
N ASP A 352 5.66 -23.96 -5.34
CA ASP A 352 4.89 -25.16 -5.03
C ASP A 352 4.35 -25.10 -3.62
N VAL A 353 4.98 -24.25 -2.79
CA VAL A 353 4.48 -23.97 -1.47
C VAL A 353 3.26 -23.06 -1.56
N THR A 354 3.39 -21.96 -2.34
CA THR A 354 2.41 -20.89 -2.38
C THR A 354 1.35 -21.21 -3.42
N GLY A 355 1.78 -21.89 -4.49
CA GLY A 355 0.88 -22.24 -5.57
C GLY A 355 0.77 -21.13 -6.62
N ALA A 356 1.70 -20.17 -6.59
CA ALA A 356 1.81 -19.13 -7.60
C ALA A 356 2.38 -19.70 -8.89
N LEU A 357 2.20 -18.94 -9.98
CA LEU A 357 2.48 -19.38 -11.34
C LEU A 357 3.94 -19.78 -11.49
N GLY A 358 4.86 -19.04 -10.83
CA GLY A 358 6.27 -19.36 -10.85
C GLY A 358 7.07 -18.46 -9.89
N PRO A 359 8.42 -18.47 -9.95
CA PRO A 359 9.24 -17.64 -9.05
C PRO A 359 9.11 -16.15 -9.34
N ARG A 360 9.15 -15.34 -8.27
CA ARG A 360 9.07 -13.89 -8.36
C ARG A 360 9.94 -13.23 -7.29
N THR A 361 10.51 -12.10 -7.65
CA THR A 361 11.13 -11.20 -6.69
C THR A 361 9.99 -10.50 -5.94
N LEU A 362 10.05 -10.56 -4.59
CA LEU A 362 8.97 -10.08 -3.75
C LEU A 362 9.39 -8.76 -3.11
N GLY A 363 8.42 -7.84 -3.03
CA GLY A 363 8.50 -6.61 -2.26
C GLY A 363 8.59 -5.37 -3.13
N ALA A 364 8.74 -4.23 -2.45
CA ALA A 364 9.00 -2.97 -3.07
C ALA A 364 10.01 -2.18 -2.24
N LEU A 365 10.76 -1.32 -2.94
CA LEU A 365 11.82 -0.52 -2.35
C LEU A 365 11.32 0.89 -2.12
N TYR A 366 11.37 1.30 -0.86
CA TYR A 366 11.23 2.70 -0.47
C TYR A 366 12.59 3.23 -0.01
N PRO A 367 13.35 3.93 -0.88
CA PRO A 367 14.71 4.31 -0.53
C PRO A 367 14.71 5.46 0.47
N ALA A 368 15.70 5.44 1.36
CA ALA A 368 16.03 6.56 2.24
C ALA A 368 16.22 7.81 1.40
N MET B 6 18.06 7.14 -25.18
CA MET B 6 17.63 7.79 -23.90
C MET B 6 16.36 7.11 -23.37
N PRO B 7 16.26 6.85 -22.05
CA PRO B 7 15.31 5.87 -21.51
C PRO B 7 13.84 6.19 -21.74
N ARG B 8 13.01 5.14 -21.82
CA ARG B 8 11.60 5.33 -22.10
C ARG B 8 10.78 4.99 -20.86
N TYR B 9 9.74 5.81 -20.62
CA TYR B 9 8.92 5.67 -19.42
C TYR B 9 7.44 5.71 -19.78
N LEU B 10 6.66 4.94 -19.04
CA LEU B 10 5.21 5.01 -19.11
C LEU B 10 4.71 5.81 -17.92
N GLY B 11 3.69 6.64 -18.16
CA GLY B 11 3.00 7.34 -17.09
C GLY B 11 1.54 6.95 -17.08
N LEU B 12 1.02 6.72 -15.87
CA LEU B 12 -0.34 6.28 -15.64
C LEU B 12 -0.99 7.26 -14.68
N MET B 13 -1.92 8.08 -15.20
CA MET B 13 -2.60 9.07 -14.40
C MET B 13 -4.08 8.72 -14.38
N SER B 14 -4.68 8.75 -13.18
CA SER B 14 -6.12 8.72 -12.99
C SER B 14 -6.50 9.73 -11.91
N GLY B 15 -6.92 10.92 -12.35
CA GLY B 15 -7.18 12.02 -11.43
C GLY B 15 -8.52 11.86 -10.75
N THR B 16 -8.85 12.80 -9.86
CA THR B 16 -9.99 12.68 -8.97
C THR B 16 -11.28 13.15 -9.64
N SER B 17 -11.20 13.63 -10.89
CA SER B 17 -12.42 13.88 -11.67
C SER B 17 -13.00 12.56 -12.19
N LEU B 18 -12.18 11.50 -12.16
CA LEU B 18 -12.60 10.13 -12.45
C LEU B 18 -13.10 10.03 -13.88
N ASP B 19 -12.43 10.71 -14.82
CA ASP B 19 -12.92 10.74 -16.19
C ASP B 19 -12.35 9.55 -16.96
N GLY B 20 -11.09 9.20 -16.70
CA GLY B 20 -10.47 8.03 -17.31
C GLY B 20 -9.00 7.91 -16.92
N MET B 21 -8.32 6.96 -17.55
CA MET B 21 -6.92 6.66 -17.31
C MET B 21 -6.16 7.20 -18.51
N ASP B 22 -5.16 8.02 -18.21
CA ASP B 22 -4.25 8.53 -19.21
C ASP B 22 -3.00 7.66 -19.12
N ILE B 23 -2.55 7.16 -20.26
CA ILE B 23 -1.28 6.46 -20.34
C ILE B 23 -0.42 7.20 -21.38
N VAL B 24 0.82 7.55 -20.98
CA VAL B 24 1.73 8.27 -21.84
C VAL B 24 2.99 7.43 -22.02
N LEU B 25 3.58 7.51 -23.22
CA LEU B 25 4.94 7.05 -23.43
C LEU B 25 5.84 8.26 -23.65
N ILE B 26 6.84 8.43 -22.78
CA ILE B 26 7.78 9.53 -22.88
C ILE B 26 9.17 8.95 -23.11
N GLU B 27 10.06 9.82 -23.62
CA GLU B 27 11.50 9.58 -23.68
C GLU B 27 12.22 10.66 -22.90
N GLN B 28 13.15 10.25 -22.03
CA GLN B 28 13.84 11.18 -21.15
C GLN B 28 15.33 11.19 -21.47
N GLY B 29 15.73 12.11 -22.36
CA GLY B 29 17.14 12.42 -22.57
C GLY B 29 17.56 13.62 -21.73
N ASP B 30 18.07 14.65 -22.41
CA ASP B 30 18.13 15.98 -21.81
C ASP B 30 16.74 16.63 -21.91
N ARG B 31 15.92 16.12 -22.85
CA ARG B 31 14.57 16.60 -23.05
C ARG B 31 13.58 15.47 -22.71
N THR B 32 12.46 15.85 -22.07
CA THR B 32 11.29 15.00 -22.06
C THR B 32 10.59 15.17 -23.40
N THR B 33 10.01 14.08 -23.93
CA THR B 33 9.26 14.15 -25.18
C THR B 33 8.15 13.10 -25.16
N LEU B 34 6.96 13.48 -25.63
CA LEU B 34 5.84 12.57 -25.75
C LEU B 34 5.99 11.74 -27.02
N LEU B 35 6.03 10.42 -26.85
CA LEU B 35 6.07 9.49 -27.97
C LEU B 35 4.65 9.06 -28.34
N ALA B 36 3.81 8.81 -27.33
CA ALA B 36 2.46 8.37 -27.57
C ALA B 36 1.61 8.47 -26.30
N SER B 37 0.30 8.48 -26.53
CA SER B 37 -0.68 8.64 -25.47
C SER B 37 -1.85 7.72 -25.79
N HIS B 38 -2.64 7.44 -24.75
CA HIS B 38 -3.73 6.46 -24.83
C HIS B 38 -4.68 6.76 -23.67
N TYR B 39 -5.98 6.86 -23.98
CA TYR B 39 -6.98 7.26 -23.02
C TYR B 39 -7.98 6.12 -22.83
N LEU B 40 -8.24 5.77 -21.58
CA LEU B 40 -9.23 4.77 -21.20
C LEU B 40 -10.36 5.50 -20.49
N PRO B 41 -11.53 5.72 -21.12
CA PRO B 41 -12.63 6.36 -20.41
C PRO B 41 -13.00 5.46 -19.23
N MET B 42 -13.26 6.08 -18.08
CA MET B 42 -13.54 5.31 -16.87
C MET B 42 -14.92 4.63 -17.02
N PRO B 43 -15.06 3.31 -16.84
CA PRO B 43 -16.38 2.66 -16.94
C PRO B 43 -17.28 3.06 -15.77
N ALA B 44 -18.59 3.07 -16.03
CA ALA B 44 -19.60 3.63 -15.12
C ALA B 44 -19.51 3.02 -13.72
N GLY B 45 -19.46 1.69 -13.65
CA GLY B 45 -19.45 0.96 -12.38
C GLY B 45 -18.24 1.34 -11.51
N LEU B 46 -17.06 1.40 -12.13
CA LEU B 46 -15.84 1.58 -11.36
C LEU B 46 -15.76 3.03 -10.85
N ARG B 47 -16.15 4.00 -11.69
CA ARG B 47 -16.14 5.40 -11.28
C ARG B 47 -16.93 5.55 -10.00
N GLU B 48 -18.17 5.02 -9.99
CA GLU B 48 -19.05 5.17 -8.84
C GLU B 48 -18.50 4.43 -7.62
N ASP B 49 -17.85 3.30 -7.86
CA ASP B 49 -17.26 2.51 -6.79
C ASP B 49 -16.06 3.25 -6.18
N ILE B 50 -15.23 3.87 -7.02
CA ILE B 50 -14.13 4.68 -6.55
C ILE B 50 -14.68 5.85 -5.76
N LEU B 51 -15.68 6.56 -6.34
CA LEU B 51 -16.38 7.64 -5.67
C LEU B 51 -16.86 7.18 -4.30
N ALA B 52 -17.37 5.95 -4.20
CA ALA B 52 -17.96 5.61 -2.92
C ALA B 52 -16.89 5.20 -1.90
N LEU B 53 -15.61 5.21 -2.33
CA LEU B 53 -14.48 5.01 -1.44
C LEU B 53 -13.92 6.34 -0.98
N CYS B 54 -14.40 7.45 -1.56
CA CYS B 54 -13.79 8.74 -1.28
C CYS B 54 -14.44 9.37 -0.05
N VAL B 55 -15.40 8.68 0.57
CA VAL B 55 -15.95 9.10 1.85
C VAL B 55 -15.92 7.92 2.81
N PRO B 56 -15.83 8.17 4.13
CA PRO B 56 -15.81 7.07 5.12
C PRO B 56 -17.03 6.15 5.02
N GLY B 57 -16.79 4.85 5.18
CA GLY B 57 -17.88 3.90 5.10
C GLY B 57 -17.46 2.49 5.54
N PRO B 58 -18.39 1.51 5.43
CA PRO B 58 -18.12 0.16 5.89
C PRO B 58 -17.21 -0.61 4.93
N ASP B 59 -16.53 -1.60 5.52
CA ASP B 59 -15.87 -2.70 4.86
C ASP B 59 -14.88 -2.18 3.80
N GLU B 60 -14.23 -1.05 4.08
CA GLU B 60 -13.49 -0.32 3.06
C GLU B 60 -12.26 -1.09 2.58
N ILE B 61 -11.61 -1.85 3.47
CA ILE B 61 -10.38 -2.52 3.14
C ILE B 61 -10.65 -3.63 2.12
N ALA B 62 -11.69 -4.44 2.35
CA ALA B 62 -12.09 -5.44 1.37
C ALA B 62 -12.52 -4.75 0.08
N ARG B 63 -13.30 -3.67 0.20
CA ARG B 63 -13.89 -3.02 -0.95
C ARG B 63 -12.80 -2.36 -1.81
N ALA B 64 -11.80 -1.74 -1.17
CA ALA B 64 -10.68 -1.12 -1.86
C ALA B 64 -9.86 -2.18 -2.58
N ALA B 65 -9.76 -3.36 -1.99
CA ALA B 65 -8.97 -4.43 -2.60
C ALA B 65 -9.61 -4.85 -3.92
N GLU B 66 -10.94 -4.93 -3.95
CA GLU B 66 -11.67 -5.34 -5.14
C GLU B 66 -11.61 -4.26 -6.22
N VAL B 67 -11.85 -3.02 -5.84
CA VAL B 67 -11.80 -1.89 -6.77
C VAL B 67 -10.43 -1.82 -7.41
N GLU B 68 -9.41 -1.86 -6.55
CA GLU B 68 -8.00 -1.83 -6.92
C GLU B 68 -7.68 -2.83 -8.02
N GLN B 69 -8.21 -4.04 -7.87
CA GLN B 69 -7.96 -5.13 -8.79
C GLN B 69 -8.54 -4.79 -10.17
N ARG B 70 -9.71 -4.16 -10.20
CA ARG B 70 -10.36 -3.79 -11.45
C ARG B 70 -9.63 -2.61 -12.09
N TRP B 71 -9.21 -1.65 -11.26
CA TRP B 71 -8.48 -0.49 -11.74
C TRP B 71 -7.18 -0.94 -12.42
N VAL B 72 -6.47 -1.86 -11.76
CA VAL B 72 -5.18 -2.33 -12.24
C VAL B 72 -5.37 -3.16 -13.50
N ALA B 73 -6.36 -4.08 -13.53
CA ALA B 73 -6.58 -4.87 -14.74
C ALA B 73 -6.85 -3.94 -15.92
N LEU B 74 -7.53 -2.83 -15.67
CA LEU B 74 -7.79 -1.85 -16.70
C LEU B 74 -6.51 -1.13 -17.12
N ALA B 75 -5.74 -0.64 -16.15
CA ALA B 75 -4.47 0.02 -16.44
C ALA B 75 -3.61 -0.88 -17.33
N ALA B 76 -3.48 -2.14 -16.91
CA ALA B 76 -2.64 -3.13 -17.57
C ALA B 76 -3.18 -3.43 -18.96
N GLN B 77 -4.52 -3.50 -19.10
CA GLN B 77 -5.10 -3.68 -20.42
C GLN B 77 -4.63 -2.56 -21.35
N GLY B 78 -4.69 -1.31 -20.84
CA GLY B 78 -4.43 -0.12 -21.62
C GLY B 78 -2.95 0.08 -21.98
N VAL B 79 -2.05 -0.32 -21.08
CA VAL B 79 -0.62 -0.37 -21.34
C VAL B 79 -0.30 -1.29 -22.51
N ARG B 80 -0.83 -2.52 -22.44
CA ARG B 80 -0.64 -3.52 -23.48
C ARG B 80 -1.17 -3.00 -24.83
N GLU B 81 -2.45 -2.59 -24.86
CA GLU B 81 -3.05 -1.96 -26.03
C GLU B 81 -2.05 -0.98 -26.65
N LEU B 82 -1.55 -0.03 -25.83
CA LEU B 82 -0.65 1.01 -26.30
C LEU B 82 0.67 0.46 -26.85
N LEU B 83 1.27 -0.52 -26.17
CA LEU B 83 2.55 -1.06 -26.64
C LEU B 83 2.37 -1.80 -27.97
N LEU B 84 1.33 -2.62 -28.05
CA LEU B 84 1.05 -3.37 -29.26
C LEU B 84 0.84 -2.42 -30.44
N GLN B 85 0.11 -1.34 -30.21
CA GLN B 85 -0.27 -0.40 -31.27
C GLN B 85 0.94 0.38 -31.73
N GLN B 86 1.91 0.56 -30.81
CA GLN B 86 3.16 1.25 -31.08
C GLN B 86 4.23 0.28 -31.58
N GLN B 87 3.90 -1.02 -31.65
CA GLN B 87 4.90 -2.03 -31.96
C GLN B 87 6.11 -1.89 -31.05
N MET B 88 5.92 -2.17 -29.75
CA MET B 88 7.01 -2.14 -28.79
C MET B 88 6.93 -3.32 -27.85
N SER B 89 8.09 -3.89 -27.47
CA SER B 89 8.10 -4.89 -26.42
C SER B 89 8.05 -4.20 -25.05
N PRO B 90 7.45 -4.84 -24.02
CA PRO B 90 7.56 -4.39 -22.63
C PRO B 90 8.96 -3.95 -22.18
N ASP B 91 9.99 -4.62 -22.70
CA ASP B 91 11.37 -4.47 -22.26
C ASP B 91 11.99 -3.21 -22.86
N GLU B 92 11.27 -2.52 -23.75
CA GLU B 92 11.72 -1.24 -24.28
C GLU B 92 11.38 -0.12 -23.30
N VAL B 93 10.50 -0.41 -22.31
CA VAL B 93 10.14 0.53 -21.26
C VAL B 93 10.98 0.24 -20.01
N ARG B 94 11.65 1.26 -19.48
CA ARG B 94 12.41 1.13 -18.23
C ARG B 94 11.47 0.94 -17.03
N ALA B 95 10.43 1.77 -16.91
CA ALA B 95 9.44 1.59 -15.87
C ALA B 95 8.19 2.41 -16.14
N ILE B 96 7.12 2.00 -15.44
CA ILE B 96 5.88 2.74 -15.30
C ILE B 96 5.98 3.62 -14.06
N GLY B 97 5.63 4.89 -14.25
CA GLY B 97 5.30 5.81 -13.18
C GLY B 97 3.79 5.93 -13.02
N SER B 98 3.27 5.34 -11.94
CA SER B 98 1.85 5.29 -11.70
C SER B 98 1.47 6.13 -10.49
N HIS B 99 0.49 7.00 -10.69
CA HIS B 99 -0.06 7.84 -9.63
C HIS B 99 -1.01 7.03 -8.74
N GLY B 100 -1.53 5.92 -9.29
CA GLY B 100 -2.66 5.25 -8.69
C GLY B 100 -3.91 6.14 -8.72
N GLN B 101 -4.81 5.87 -7.76
CA GLN B 101 -6.09 6.54 -7.66
C GLN B 101 -6.29 7.02 -6.22
N THR B 102 -6.41 8.32 -6.01
CA THR B 102 -6.62 8.79 -4.66
C THR B 102 -8.06 8.55 -4.24
N ILE B 103 -8.24 7.94 -3.06
CA ILE B 103 -9.54 7.79 -2.44
C ILE B 103 -9.57 8.54 -1.10
N ARG B 104 -8.42 9.08 -0.65
CA ARG B 104 -8.41 9.85 0.58
C ARG B 104 -7.14 10.68 0.63
N HIS B 105 -7.28 11.96 0.97
CA HIS B 105 -6.15 12.86 1.05
C HIS B 105 -6.36 13.74 2.28
N GLU B 106 -5.62 13.47 3.35
CA GLU B 106 -5.82 14.19 4.60
C GLU B 106 -4.47 14.61 5.16
N PRO B 107 -3.76 15.59 4.54
CA PRO B 107 -2.47 16.04 5.07
C PRO B 107 -2.47 16.65 6.47
N ALA B 108 -3.65 16.92 7.05
CA ALA B 108 -3.73 17.39 8.43
C ALA B 108 -3.64 16.21 9.39
N ARG B 109 -4.02 15.01 8.93
CA ARG B 109 -3.95 13.81 9.74
C ARG B 109 -2.72 13.00 9.33
N HIS B 110 -1.87 13.60 8.48
CA HIS B 110 -0.64 12.98 7.98
C HIS B 110 -0.91 11.73 7.13
N PHE B 111 -2.01 11.66 6.37
CA PHE B 111 -2.12 10.53 5.45
C PHE B 111 -2.78 10.90 4.13
N THR B 112 -2.39 10.12 3.12
CA THR B 112 -2.92 10.21 1.78
C THR B 112 -2.89 8.79 1.23
N VAL B 113 -3.96 8.42 0.53
CA VAL B 113 -4.20 7.05 0.13
C VAL B 113 -4.50 7.05 -1.37
N GLN B 114 -3.56 6.46 -2.12
CA GLN B 114 -3.67 6.11 -3.51
C GLN B 114 -3.65 4.58 -3.61
N ILE B 115 -4.79 3.96 -3.89
CA ILE B 115 -4.82 2.53 -4.17
C ILE B 115 -4.21 2.31 -5.54
N GLY B 116 -3.99 1.05 -5.92
CA GLY B 116 -3.34 0.78 -7.20
C GLY B 116 -2.41 -0.45 -7.21
N ASN B 117 -2.55 -1.38 -6.25
CA ASN B 117 -1.78 -2.63 -6.18
C ASN B 117 -0.66 -2.62 -7.21
N PRO B 118 0.41 -1.84 -6.96
CA PRO B 118 1.50 -1.74 -7.94
C PRO B 118 2.07 -3.09 -8.33
N ALA B 119 2.02 -4.05 -7.41
CA ALA B 119 2.62 -5.36 -7.61
C ALA B 119 1.86 -6.15 -8.67
N LEU B 120 0.54 -6.02 -8.69
CA LEU B 120 -0.24 -6.69 -9.73
C LEU B 120 0.02 -6.01 -11.06
N LEU B 121 0.32 -4.71 -11.00
CA LEU B 121 0.52 -4.00 -12.24
C LEU B 121 1.81 -4.48 -12.87
N ALA B 122 2.85 -4.67 -12.04
CA ALA B 122 4.11 -5.25 -12.51
C ALA B 122 3.88 -6.65 -13.06
N GLU B 123 3.00 -7.42 -12.39
CA GLU B 123 2.75 -8.80 -12.80
C GLU B 123 2.13 -8.83 -14.20
N LEU B 124 1.19 -7.90 -14.47
CA LEU B 124 0.33 -7.95 -15.63
C LEU B 124 0.98 -7.26 -16.83
N THR B 125 1.99 -6.41 -16.59
CA THR B 125 2.64 -5.62 -17.64
C THR B 125 4.01 -6.18 -17.99
N GLY B 126 4.65 -6.89 -17.05
CA GLY B 126 6.06 -7.26 -17.17
C GLY B 126 7.01 -6.07 -17.11
N ILE B 127 6.53 -4.90 -16.64
CA ILE B 127 7.37 -3.71 -16.53
C ILE B 127 7.52 -3.31 -15.05
N ASP B 128 8.68 -2.74 -14.68
CA ASP B 128 8.91 -2.23 -13.34
C ASP B 128 7.95 -1.08 -13.04
N VAL B 129 7.39 -1.06 -11.83
CA VAL B 129 6.47 0.02 -11.47
C VAL B 129 7.09 0.85 -10.37
N VAL B 130 6.95 2.18 -10.51
CA VAL B 130 7.14 3.08 -9.41
C VAL B 130 5.79 3.77 -9.13
N ALA B 131 5.35 3.67 -7.86
CA ALA B 131 4.10 4.25 -7.40
C ALA B 131 4.29 4.83 -6.01
N ASP B 132 3.18 5.26 -5.41
CA ASP B 132 3.13 5.72 -4.04
C ASP B 132 4.11 6.89 -3.87
N PHE B 133 3.99 7.84 -4.79
CA PHE B 133 4.82 9.03 -4.79
C PHE B 133 4.52 9.91 -3.59
N ARG B 134 3.24 10.01 -3.18
CA ARG B 134 2.86 11.08 -2.28
C ARG B 134 3.31 10.83 -0.85
N ARG B 135 3.46 9.56 -0.45
CA ARG B 135 3.49 9.32 0.99
C ARG B 135 4.80 9.84 1.59
N ARG B 136 5.90 9.93 0.83
CA ARG B 136 7.15 10.31 1.46
C ARG B 136 7.16 11.81 1.75
N ASP B 137 6.54 12.61 0.88
CA ASP B 137 6.44 14.04 1.10
C ASP B 137 5.66 14.33 2.37
N VAL B 138 4.57 13.57 2.56
CA VAL B 138 3.71 13.68 3.73
C VAL B 138 4.44 13.20 4.98
N ALA B 139 5.26 12.14 4.83
CA ALA B 139 6.05 11.64 5.93
C ALA B 139 7.06 12.70 6.39
N ALA B 140 7.38 13.64 5.49
CA ALA B 140 8.44 14.61 5.70
C ALA B 140 7.88 15.94 6.21
N GLY B 141 6.57 15.98 6.53
CA GLY B 141 5.93 17.15 7.09
C GLY B 141 5.20 17.97 6.03
N GLY B 142 4.99 17.39 4.84
CA GLY B 142 4.40 18.11 3.72
C GLY B 142 2.96 17.68 3.39
N GLN B 143 2.39 18.31 2.36
CA GLN B 143 1.00 18.09 1.96
C GLN B 143 0.88 16.96 0.93
N GLY B 144 2.02 16.51 0.39
CA GLY B 144 2.07 15.46 -0.61
C GLY B 144 1.44 15.88 -1.94
N ALA B 145 1.43 17.19 -2.19
CA ALA B 145 0.74 17.75 -3.36
C ALA B 145 0.95 19.27 -3.41
N PRO B 146 0.92 19.89 -4.61
CA PRO B 146 1.08 19.17 -5.89
C PRO B 146 2.48 18.59 -6.04
N LEU B 147 2.64 17.60 -6.92
CA LEU B 147 3.96 17.07 -7.22
C LEU B 147 4.45 17.58 -8.58
N VAL B 148 3.57 18.21 -9.36
CA VAL B 148 3.86 18.61 -10.74
C VAL B 148 4.82 19.81 -10.82
N PRO B 149 4.96 20.70 -9.82
CA PRO B 149 5.76 21.92 -9.99
C PRO B 149 7.22 21.70 -10.38
N ALA B 150 7.89 20.71 -9.80
CA ALA B 150 9.24 20.36 -10.22
C ALA B 150 9.27 19.99 -11.70
N PHE B 151 8.24 19.28 -12.19
CA PHE B 151 8.21 18.82 -13.58
C PHE B 151 7.97 19.98 -14.53
N HIS B 152 7.10 20.92 -14.14
CA HIS B 152 6.83 22.13 -14.90
C HIS B 152 8.10 22.95 -15.12
N GLN B 153 8.96 23.03 -14.09
CA GLN B 153 10.18 23.83 -14.18
C GLN B 153 11.10 23.25 -15.23
N ALA B 154 11.39 21.95 -15.12
CA ALA B 154 12.25 21.25 -16.08
C ALA B 154 11.73 21.47 -17.50
N LEU B 155 10.42 21.28 -17.68
CA LEU B 155 9.83 21.19 -19.02
C LEU B 155 9.73 22.59 -19.63
N PHE B 156 9.60 23.60 -18.77
CA PHE B 156 9.61 25.00 -19.18
C PHE B 156 10.66 25.76 -18.37
N GLY B 157 11.87 25.89 -18.94
CA GLY B 157 13.00 26.50 -18.24
C GLY B 157 13.44 27.82 -18.87
N ASP B 158 12.47 28.70 -19.14
CA ASP B 158 12.71 29.94 -19.87
C ASP B 158 13.12 31.04 -18.89
N ASP B 159 14.43 31.28 -18.80
CA ASP B 159 14.96 32.36 -17.98
C ASP B 159 14.83 33.66 -18.78
N ASP B 160 13.60 33.96 -19.22
CA ASP B 160 13.29 35.16 -20.00
C ASP B 160 11.95 35.73 -19.53
N THR B 161 10.90 34.91 -19.66
CA THR B 161 9.53 35.35 -19.44
C THR B 161 9.00 34.81 -18.11
N SER B 162 8.05 35.54 -17.52
CA SER B 162 7.36 35.10 -16.32
C SER B 162 6.20 34.19 -16.69
N ARG B 163 6.53 32.92 -16.99
CA ARG B 163 5.53 31.91 -17.32
C ARG B 163 4.79 31.47 -16.06
N ALA B 164 3.54 31.03 -16.24
CA ALA B 164 2.73 30.49 -15.16
C ALA B 164 1.96 29.27 -15.68
N VAL B 165 2.15 28.11 -15.03
CA VAL B 165 1.56 26.86 -15.49
C VAL B 165 0.38 26.51 -14.59
N LEU B 166 -0.82 26.55 -15.18
CA LEU B 166 -2.10 26.38 -14.51
C LEU B 166 -2.72 25.04 -14.92
N ASN B 167 -2.79 24.10 -13.96
CA ASN B 167 -3.49 22.84 -14.13
C ASN B 167 -4.90 22.98 -13.60
N ILE B 168 -5.89 22.82 -14.47
CA ILE B 168 -7.29 22.77 -14.07
C ILE B 168 -7.78 21.33 -14.23
N GLY B 169 -7.79 20.58 -13.11
CA GLY B 169 -8.56 19.36 -13.01
C GLY B 169 -9.80 19.57 -12.16
N GLY B 170 -10.03 18.63 -11.24
CA GLY B 170 -10.88 18.92 -10.11
C GLY B 170 -10.55 20.30 -9.56
N PHE B 171 -9.32 20.46 -9.06
CA PHE B 171 -8.91 21.71 -8.45
C PHE B 171 -7.90 22.40 -9.35
N SER B 172 -7.87 23.74 -9.26
CA SER B 172 -6.90 24.56 -9.97
C SER B 172 -5.65 24.71 -9.12
N ASN B 173 -4.50 24.34 -9.69
CA ASN B 173 -3.22 24.57 -9.06
C ASN B 173 -2.25 25.13 -10.09
N VAL B 174 -1.32 25.98 -9.64
CA VAL B 174 -0.49 26.76 -10.54
C VAL B 174 0.98 26.60 -10.17
N SER B 175 1.85 26.69 -11.18
CA SER B 175 3.29 26.70 -10.98
C SER B 175 3.85 27.96 -11.62
N LEU B 176 4.45 28.84 -10.79
CA LEU B 176 4.94 30.13 -11.25
C LEU B 176 6.43 30.04 -11.55
N LEU B 177 6.78 30.16 -12.84
CA LEU B 177 8.18 30.08 -13.27
C LEU B 177 8.70 31.49 -13.57
N SER B 178 9.44 32.05 -12.61
CA SER B 178 9.96 33.40 -12.71
C SER B 178 11.48 33.37 -12.83
N PRO B 179 12.06 33.95 -13.91
CA PRO B 179 13.50 33.87 -14.17
C PRO B 179 14.36 33.91 -12.91
N GLY B 180 15.28 32.94 -12.79
CA GLY B 180 16.31 32.94 -11.76
C GLY B 180 15.72 33.07 -10.36
N LYS B 181 14.92 32.08 -9.97
CA LYS B 181 14.39 32.01 -8.61
C LYS B 181 13.85 30.60 -8.35
N PRO B 182 13.53 30.26 -7.08
CA PRO B 182 12.79 29.03 -6.78
C PRO B 182 11.41 29.08 -7.44
N VAL B 183 10.95 27.93 -7.96
CA VAL B 183 9.56 27.83 -8.40
C VAL B 183 8.66 27.95 -7.18
N ARG B 184 7.46 28.49 -7.41
CA ARG B 184 6.45 28.59 -6.39
C ARG B 184 5.24 27.78 -6.85
N GLY B 185 4.38 27.46 -5.88
CA GLY B 185 3.16 26.71 -6.15
C GLY B 185 2.15 26.86 -5.04
N PHE B 186 0.88 27.07 -5.44
CA PHE B 186 -0.24 27.04 -4.52
C PHE B 186 -1.49 26.63 -5.29
N ASP B 187 -2.56 26.34 -4.54
CA ASP B 187 -3.87 26.01 -5.09
C ASP B 187 -4.66 27.29 -5.29
N CYS B 188 -5.09 27.55 -6.53
CA CYS B 188 -5.96 28.68 -6.80
C CYS B 188 -7.30 28.48 -6.09
N GLY B 189 -7.88 27.30 -6.30
CA GLY B 189 -9.23 26.98 -5.85
C GLY B 189 -9.85 25.88 -6.70
N PRO B 190 -11.20 25.80 -6.80
CA PRO B 190 -11.84 24.73 -7.56
C PRO B 190 -11.61 24.94 -9.05
N GLY B 191 -11.38 23.84 -9.76
CA GLY B 191 -11.33 23.86 -11.21
C GLY B 191 -12.68 23.42 -11.77
N ASN B 192 -12.73 22.16 -12.19
CA ASN B 192 -13.90 21.62 -12.85
C ASN B 192 -14.88 21.05 -11.83
N VAL B 193 -14.50 21.07 -10.54
CA VAL B 193 -15.01 20.10 -9.59
C VAL B 193 -16.43 20.48 -9.19
N LEU B 194 -16.72 21.77 -9.07
CA LEU B 194 -18.07 22.20 -8.73
C LEU B 194 -18.94 22.18 -9.99
N MET B 195 -18.33 22.50 -11.14
CA MET B 195 -19.04 22.55 -12.41
C MET B 195 -19.50 21.15 -12.80
N ASP B 196 -18.61 20.15 -12.65
CA ASP B 196 -18.94 18.75 -12.86
C ASP B 196 -20.04 18.34 -11.88
N ALA B 197 -19.81 18.66 -10.61
CA ALA B 197 -20.68 18.29 -9.50
C ALA B 197 -22.10 18.82 -9.70
N TRP B 198 -22.24 20.03 -10.23
CA TRP B 198 -23.55 20.66 -10.34
C TRP B 198 -24.31 20.06 -11.52
N ILE B 199 -23.66 19.98 -12.69
CA ILE B 199 -24.31 19.42 -13.86
C ILE B 199 -24.46 17.90 -13.71
N HIS B 200 -23.73 17.28 -12.77
CA HIS B 200 -23.98 15.89 -12.44
C HIS B 200 -25.20 15.77 -11.52
N HIS B 201 -25.22 16.54 -10.44
CA HIS B 201 -26.38 16.52 -9.56
C HIS B 201 -27.66 16.79 -10.36
N GLN B 202 -27.59 17.76 -11.29
CA GLN B 202 -28.79 18.35 -11.86
C GLN B 202 -29.36 17.43 -12.94
N ARG B 203 -28.50 16.94 -13.85
CA ARG B 203 -28.93 16.20 -15.02
C ARG B 203 -28.50 14.73 -14.95
N GLY B 204 -27.26 14.51 -14.50
CA GLY B 204 -26.64 13.18 -14.52
C GLY B 204 -25.36 13.17 -15.36
N GLU B 205 -25.10 14.26 -16.09
CA GLU B 205 -23.93 14.37 -16.93
C GLU B 205 -22.66 14.32 -16.08
N HIS B 206 -21.52 14.15 -16.75
CA HIS B 206 -20.24 14.08 -16.07
C HIS B 206 -19.64 15.47 -15.96
N PHE B 207 -19.57 16.17 -17.09
CA PHE B 207 -19.03 17.54 -17.12
C PHE B 207 -19.88 18.37 -18.06
N ASP B 208 -19.57 19.68 -18.14
CA ASP B 208 -20.32 20.64 -18.96
C ASP B 208 -19.53 20.95 -20.22
N ARG B 209 -19.79 20.17 -21.27
CA ARG B 209 -19.00 20.18 -22.49
C ARG B 209 -18.84 21.60 -23.04
N ASP B 210 -17.58 22.03 -23.19
CA ASP B 210 -17.23 23.30 -23.84
C ASP B 210 -17.65 24.50 -22.98
N GLY B 211 -17.99 24.27 -21.71
CA GLY B 211 -18.58 25.30 -20.86
C GLY B 211 -19.85 25.89 -21.47
N ALA B 212 -20.67 25.03 -22.09
CA ALA B 212 -21.82 25.49 -22.86
C ALA B 212 -22.97 25.87 -21.92
N TRP B 213 -23.18 25.07 -20.87
CA TRP B 213 -24.30 25.28 -19.97
C TRP B 213 -24.04 26.51 -19.10
N ALA B 214 -22.79 26.70 -18.69
CA ALA B 214 -22.39 27.86 -17.90
C ALA B 214 -22.50 29.13 -18.74
N ALA B 215 -22.28 29.01 -20.06
CA ALA B 215 -22.28 30.14 -20.98
C ALA B 215 -23.71 30.58 -21.28
N SER B 216 -24.67 29.65 -21.18
CA SER B 216 -26.06 29.95 -21.49
C SER B 216 -26.78 30.57 -20.30
N GLY B 217 -26.07 30.74 -19.17
CA GLY B 217 -26.66 31.23 -17.95
C GLY B 217 -26.13 32.62 -17.57
N GLN B 218 -26.86 33.30 -16.68
CA GLN B 218 -26.50 34.61 -16.18
C GLN B 218 -25.74 34.45 -14.88
N VAL B 219 -24.59 35.15 -14.76
CA VAL B 219 -23.83 35.16 -13.52
C VAL B 219 -24.67 35.82 -12.43
N ASN B 220 -24.72 35.19 -11.26
CA ASN B 220 -25.27 35.81 -10.06
C ASN B 220 -24.12 36.36 -9.24
N HIS B 221 -24.25 37.64 -8.82
CA HIS B 221 -23.17 38.39 -8.18
C HIS B 221 -23.23 38.24 -6.65
N ALA B 222 -24.43 38.08 -6.09
CA ALA B 222 -24.59 37.92 -4.66
C ALA B 222 -24.01 36.56 -4.24
N LEU B 223 -24.48 35.51 -4.92
CA LEU B 223 -23.93 34.18 -4.80
C LEU B 223 -22.42 34.20 -5.02
N LEU B 224 -21.98 34.88 -6.09
CA LEU B 224 -20.58 34.91 -6.47
C LEU B 224 -19.77 35.58 -5.37
N ALA B 225 -20.28 36.69 -4.83
CA ALA B 225 -19.59 37.47 -3.82
C ALA B 225 -19.42 36.63 -2.56
N SER B 226 -20.49 35.92 -2.17
CA SER B 226 -20.47 35.04 -1.01
C SER B 226 -19.50 33.89 -1.22
N LEU B 227 -19.49 33.32 -2.44
CA LEU B 227 -18.61 32.20 -2.75
C LEU B 227 -17.15 32.64 -2.63
N LEU B 228 -16.83 33.78 -3.26
CA LEU B 228 -15.48 34.30 -3.30
C LEU B 228 -15.03 34.72 -1.89
N ALA B 229 -16.00 35.03 -1.02
CA ALA B 229 -15.71 35.49 0.33
C ALA B 229 -15.36 34.32 1.25
N ASP B 230 -15.33 33.08 0.71
CA ASP B 230 -15.03 31.92 1.54
C ASP B 230 -13.63 32.07 2.12
N GLU B 231 -13.45 31.47 3.31
CA GLU B 231 -12.24 31.57 4.10
C GLU B 231 -11.03 31.05 3.31
N PHE B 232 -11.22 29.98 2.52
CA PHE B 232 -10.14 29.32 1.80
C PHE B 232 -9.15 30.32 1.17
N PHE B 233 -9.69 31.36 0.53
CA PHE B 233 -8.88 32.30 -0.24
C PHE B 233 -8.05 33.21 0.66
N ALA B 234 -8.43 33.32 1.95
CA ALA B 234 -7.64 34.05 2.93
C ALA B 234 -6.44 33.18 3.36
N PHE B 246 -15.56 22.51 -0.84
CA PHE B 246 -15.63 22.58 -2.33
C PHE B 246 -16.19 21.27 -2.90
N ASN B 247 -17.33 20.83 -2.33
CA ASN B 247 -18.12 19.74 -2.88
C ASN B 247 -19.58 20.21 -2.96
N LEU B 248 -20.46 19.36 -3.51
CA LEU B 248 -21.83 19.78 -3.77
C LEU B 248 -22.49 20.27 -2.49
N PRO B 249 -22.47 19.52 -1.36
CA PRO B 249 -23.13 19.97 -0.13
C PRO B 249 -22.63 21.31 0.39
N TRP B 250 -21.34 21.60 0.18
CA TRP B 250 -20.78 22.91 0.49
C TRP B 250 -21.49 24.00 -0.32
N LEU B 251 -21.82 23.68 -1.57
CA LEU B 251 -22.45 24.61 -2.50
C LEU B 251 -23.96 24.61 -2.32
N GLN B 252 -24.50 23.52 -1.76
CA GLN B 252 -25.91 23.49 -1.43
C GLN B 252 -26.12 24.30 -0.15
N GLU B 253 -25.09 24.37 0.69
CA GLU B 253 -25.10 25.20 1.90
C GLU B 253 -25.25 26.67 1.50
N HIS B 254 -24.44 27.11 0.53
CA HIS B 254 -24.47 28.49 0.07
C HIS B 254 -25.77 28.79 -0.67
N LEU B 255 -26.34 27.78 -1.34
CA LEU B 255 -27.57 27.97 -2.09
C LEU B 255 -28.75 28.20 -1.15
N ALA B 256 -28.60 27.78 0.11
CA ALA B 256 -29.60 28.02 1.13
C ALA B 256 -29.79 29.51 1.37
N ARG B 257 -28.70 30.19 1.77
CA ARG B 257 -28.77 31.56 2.25
C ARG B 257 -28.72 32.56 1.09
N HIS B 258 -29.42 32.25 0.01
CA HIS B 258 -29.58 33.14 -1.13
C HIS B 258 -30.98 32.93 -1.71
N PRO B 259 -31.41 33.74 -2.72
CA PRO B 259 -32.60 33.41 -3.49
C PRO B 259 -32.42 32.06 -4.21
N ALA B 260 -33.54 31.39 -4.47
CA ALA B 260 -33.55 30.28 -5.42
C ALA B 260 -33.14 30.82 -6.80
N LEU B 261 -32.31 30.05 -7.51
CA LEU B 261 -31.70 30.49 -8.75
C LEU B 261 -31.92 29.45 -9.84
N PRO B 262 -32.11 29.88 -11.11
CA PRO B 262 -32.06 28.97 -12.26
C PRO B 262 -30.74 28.21 -12.41
N ALA B 263 -30.85 26.94 -12.80
CA ALA B 263 -29.75 25.99 -12.75
C ALA B 263 -28.54 26.55 -13.48
N ALA B 264 -28.78 27.10 -14.68
CA ALA B 264 -27.75 27.64 -15.55
C ALA B 264 -27.01 28.80 -14.89
N ASP B 265 -27.72 29.55 -14.02
CA ASP B 265 -27.17 30.74 -13.42
C ASP B 265 -26.16 30.34 -12.35
N ILE B 266 -26.42 29.20 -11.72
CA ILE B 266 -25.50 28.64 -10.73
C ILE B 266 -24.26 28.10 -11.45
N GLN B 267 -24.43 27.60 -12.69
CA GLN B 267 -23.32 27.02 -13.42
C GLN B 267 -22.40 28.14 -13.89
N ALA B 268 -23.02 29.13 -14.55
CA ALA B 268 -22.38 30.39 -14.91
C ALA B 268 -21.55 30.91 -13.75
N THR B 269 -22.16 30.99 -12.55
CA THR B 269 -21.51 31.54 -11.38
C THR B 269 -20.32 30.68 -10.97
N LEU B 270 -20.57 29.37 -10.87
CA LEU B 270 -19.53 28.39 -10.56
C LEU B 270 -18.33 28.59 -11.49
N LEU B 271 -18.60 28.82 -12.78
CA LEU B 271 -17.56 29.01 -13.77
C LEU B 271 -16.83 30.33 -13.52
N GLU B 272 -17.55 31.36 -13.03
CA GLU B 272 -16.93 32.63 -12.70
C GLU B 272 -16.10 32.51 -11.42
N LEU B 273 -16.58 31.71 -10.46
CA LEU B 273 -15.85 31.45 -9.25
C LEU B 273 -14.48 30.85 -9.57
N SER B 274 -14.47 29.88 -10.51
CA SER B 274 -13.23 29.25 -10.89
C SER B 274 -12.28 30.28 -11.51
N ALA B 275 -12.81 31.08 -12.44
CA ALA B 275 -12.00 31.99 -13.24
C ALA B 275 -11.42 33.13 -12.40
N ARG B 276 -12.16 33.57 -11.37
CA ARG B 276 -11.74 34.71 -10.56
C ARG B 276 -10.75 34.28 -9.50
N SER B 277 -10.99 33.11 -8.89
CA SER B 277 -10.07 32.55 -7.89
C SER B 277 -8.70 32.32 -8.52
N ILE B 278 -8.70 31.85 -9.78
CA ILE B 278 -7.50 31.72 -10.57
C ILE B 278 -6.88 33.11 -10.77
N SER B 279 -7.64 34.02 -11.37
CA SER B 279 -7.16 35.33 -11.79
C SER B 279 -6.47 36.08 -10.65
N GLU B 280 -7.16 36.23 -9.52
CA GLU B 280 -6.66 37.05 -8.43
C GLU B 280 -5.36 36.44 -7.90
N SER B 281 -5.33 35.11 -7.75
CA SER B 281 -4.26 34.45 -7.01
C SER B 281 -2.95 34.48 -7.80
N LEU B 282 -3.04 34.72 -9.12
CA LEU B 282 -1.97 34.45 -10.05
C LEU B 282 -1.24 35.75 -10.41
N LEU B 283 -1.96 36.87 -10.44
CA LEU B 283 -1.33 38.18 -10.59
C LEU B 283 -1.06 38.80 -9.22
N ASP B 284 -1.68 38.21 -8.18
CA ASP B 284 -1.38 38.59 -6.82
C ASP B 284 0.04 38.13 -6.44
N ALA B 285 0.54 37.09 -7.11
CA ALA B 285 1.85 36.53 -6.81
C ALA B 285 2.83 36.75 -7.96
N GLN B 286 2.35 36.77 -9.21
CA GLN B 286 3.21 36.97 -10.37
C GLN B 286 2.59 38.04 -11.28
N PRO B 287 2.47 39.30 -10.80
CA PRO B 287 1.69 40.33 -11.48
C PRO B 287 2.14 40.72 -12.90
N ASP B 288 3.38 40.38 -13.26
CA ASP B 288 3.93 40.75 -14.56
C ASP B 288 4.03 39.52 -15.46
N CYS B 289 2.96 38.71 -15.45
CA CYS B 289 2.98 37.39 -16.09
C CYS B 289 2.76 37.52 -17.59
N GLU B 290 3.76 37.10 -18.38
CA GLU B 290 3.67 37.14 -19.84
C GLU B 290 2.77 36.00 -20.34
N GLU B 291 3.02 34.77 -19.86
CA GLU B 291 2.38 33.57 -20.37
C GLU B 291 1.71 32.78 -19.24
N VAL B 292 0.38 32.60 -19.35
CA VAL B 292 -0.31 31.59 -18.56
C VAL B 292 -0.53 30.37 -19.46
N LEU B 293 0.18 29.28 -19.16
CA LEU B 293 0.12 28.03 -19.91
C LEU B 293 -0.86 27.08 -19.23
N VAL B 294 -2.04 26.91 -19.83
CA VAL B 294 -3.09 26.12 -19.22
C VAL B 294 -2.88 24.65 -19.59
N CYS B 295 -2.98 23.76 -18.60
CA CYS B 295 -3.09 22.34 -18.89
C CYS B 295 -4.16 21.69 -18.02
N GLY B 296 -4.50 20.45 -18.35
CA GLY B 296 -5.59 19.72 -17.74
C GLY B 296 -6.87 19.87 -18.56
N GLY B 297 -7.93 19.19 -18.11
CA GLY B 297 -9.18 19.12 -18.86
C GLY B 297 -9.98 20.43 -18.82
N GLY B 298 -9.64 21.34 -17.91
CA GLY B 298 -10.22 22.68 -17.92
C GLY B 298 -9.81 23.50 -19.15
N ALA B 299 -8.71 23.12 -19.80
CA ALA B 299 -8.26 23.77 -21.02
C ALA B 299 -9.31 23.62 -22.12
N PHE B 300 -10.12 22.57 -22.03
CA PHE B 300 -11.10 22.27 -23.06
C PHE B 300 -12.41 23.00 -22.78
N ASN B 301 -12.59 23.51 -21.55
CA ASN B 301 -13.76 24.32 -21.24
C ASN B 301 -13.59 25.69 -21.90
N THR B 302 -13.92 25.77 -23.19
CA THR B 302 -13.64 26.99 -23.97
C THR B 302 -14.19 28.19 -23.22
N ALA B 303 -15.38 28.04 -22.62
CA ALA B 303 -16.08 29.14 -21.99
C ALA B 303 -15.29 29.69 -20.80
N LEU B 304 -14.63 28.80 -20.04
CA LEU B 304 -13.85 29.20 -18.89
C LEU B 304 -12.56 29.88 -19.36
N MET B 305 -11.98 29.36 -20.46
CA MET B 305 -10.76 29.89 -21.02
C MET B 305 -11.00 31.30 -21.57
N LYS B 306 -12.18 31.55 -22.14
CA LYS B 306 -12.55 32.90 -22.56
C LYS B 306 -12.41 33.87 -21.39
N ARG B 307 -12.98 33.51 -20.23
CA ARG B 307 -13.03 34.39 -19.08
C ARG B 307 -11.64 34.60 -18.49
N LEU B 308 -10.83 33.53 -18.46
CA LEU B 308 -9.45 33.64 -18.00
C LEU B 308 -8.68 34.65 -18.86
N ALA B 309 -9.01 34.68 -20.17
CA ALA B 309 -8.30 35.51 -21.14
C ALA B 309 -8.60 37.00 -20.89
N MET B 310 -9.82 37.28 -20.44
CA MET B 310 -10.28 38.65 -20.20
C MET B 310 -9.78 39.14 -18.84
N LEU B 311 -9.84 38.28 -17.82
CA LEU B 311 -9.37 38.63 -16.49
C LEU B 311 -7.85 38.58 -16.41
N MET B 312 -7.20 38.16 -17.51
CA MET B 312 -5.75 38.31 -17.65
C MET B 312 -5.48 38.88 -19.04
N PRO B 313 -5.86 40.16 -19.26
CA PRO B 313 -5.86 40.75 -20.60
C PRO B 313 -4.46 41.01 -21.16
N GLU B 314 -3.55 41.49 -20.31
CA GLU B 314 -2.20 41.85 -20.72
C GLU B 314 -1.26 40.65 -20.51
N ALA B 315 -1.84 39.44 -20.46
CA ALA B 315 -1.09 38.19 -20.42
C ALA B 315 -1.65 37.25 -21.49
N ARG B 316 -0.75 36.51 -22.17
CA ARG B 316 -1.19 35.54 -23.16
C ARG B 316 -1.68 34.28 -22.45
N VAL B 317 -2.98 34.04 -22.54
CA VAL B 317 -3.59 32.84 -21.99
C VAL B 317 -3.79 31.84 -23.12
N ALA B 318 -3.39 30.58 -22.88
CA ALA B 318 -3.60 29.51 -23.84
C ALA B 318 -3.18 28.18 -23.20
N SER B 319 -3.49 27.08 -23.88
CA SER B 319 -3.08 25.76 -23.39
C SER B 319 -1.59 25.55 -23.71
N THR B 320 -1.03 24.48 -23.13
CA THR B 320 0.37 24.13 -23.35
C THR B 320 0.56 23.59 -24.77
N ASP B 321 -0.55 23.43 -25.49
CA ASP B 321 -0.54 23.08 -26.90
C ASP B 321 0.32 24.08 -27.68
N GLU B 322 0.20 25.37 -27.32
CA GLU B 322 0.88 26.43 -28.04
C GLU B 322 2.40 26.25 -27.90
N TYR B 323 2.84 25.72 -26.75
CA TYR B 323 4.26 25.53 -26.49
C TYR B 323 4.64 24.05 -26.49
N GLY B 324 3.92 23.24 -27.26
CA GLY B 324 4.45 21.98 -27.75
C GLY B 324 3.84 20.72 -27.11
N ILE B 325 3.11 20.86 -26.00
CA ILE B 325 2.70 19.68 -25.26
C ILE B 325 1.19 19.71 -25.00
N PRO B 326 0.45 18.65 -25.44
CA PRO B 326 -1.01 18.62 -25.29
C PRO B 326 -1.46 18.62 -23.83
N PRO B 327 -2.41 19.51 -23.45
CA PRO B 327 -2.75 19.71 -22.04
C PRO B 327 -3.35 18.52 -21.28
N ALA B 328 -3.97 17.58 -21.99
CA ALA B 328 -4.63 16.44 -21.35
C ALA B 328 -3.59 15.49 -20.79
N TRP B 329 -2.36 15.53 -21.32
CA TRP B 329 -1.34 14.53 -21.00
C TRP B 329 -0.25 15.07 -20.07
N MET B 330 -0.27 16.37 -19.74
CA MET B 330 0.69 16.97 -18.84
C MET B 330 0.95 16.09 -17.61
N GLU B 331 -0.12 15.78 -16.86
CA GLU B 331 0.01 15.07 -15.60
C GLU B 331 0.50 13.65 -15.81
N GLY B 332 0.04 13.01 -16.91
CA GLY B 332 0.52 11.69 -17.28
C GLY B 332 2.04 11.71 -17.46
N MET B 333 2.50 12.73 -18.19
CA MET B 333 3.92 12.89 -18.47
C MET B 333 4.72 13.12 -17.19
N ALA B 334 4.12 13.77 -16.19
CA ALA B 334 4.87 14.13 -14.99
C ALA B 334 5.19 12.88 -14.18
N PHE B 335 4.21 11.98 -14.07
CA PHE B 335 4.40 10.74 -13.34
C PHE B 335 5.38 9.82 -14.07
N ALA B 336 5.47 9.92 -15.40
CA ALA B 336 6.52 9.19 -16.09
C ALA B 336 7.88 9.74 -15.64
N TRP B 337 7.94 11.05 -15.49
CA TRP B 337 9.14 11.77 -15.12
C TRP B 337 9.56 11.38 -13.71
N LEU B 338 8.58 11.28 -12.78
CA LEU B 338 8.84 10.93 -11.40
C LEU B 338 9.40 9.52 -11.26
N ALA B 339 8.99 8.58 -12.15
CA ALA B 339 9.64 7.28 -12.20
C ALA B 339 11.12 7.45 -12.54
N HIS B 340 11.43 8.27 -13.55
CA HIS B 340 12.80 8.56 -13.93
C HIS B 340 13.56 9.14 -12.74
N ARG B 341 12.98 10.15 -12.10
CA ARG B 341 13.61 10.82 -10.97
C ARG B 341 13.91 9.81 -9.87
N PHE B 342 12.93 8.96 -9.55
CA PHE B 342 13.11 7.95 -8.52
C PHE B 342 14.34 7.08 -8.80
N LEU B 343 14.43 6.59 -10.04
CA LEU B 343 15.47 5.63 -10.38
C LEU B 343 16.84 6.30 -10.44
N GLU B 344 16.88 7.59 -10.80
CA GLU B 344 18.10 8.37 -10.79
C GLU B 344 18.42 8.90 -9.38
N ARG B 345 17.48 8.72 -8.43
CA ARG B 345 17.61 9.14 -7.05
C ARG B 345 17.72 10.66 -6.96
N LEU B 346 16.81 11.36 -7.66
CA LEU B 346 16.77 12.80 -7.72
C LEU B 346 15.43 13.26 -7.14
N PRO B 347 15.40 14.29 -6.26
CA PRO B 347 14.17 14.64 -5.57
C PRO B 347 13.00 14.85 -6.53
N GLY B 348 11.81 14.41 -6.09
CA GLY B 348 10.60 14.55 -6.87
C GLY B 348 9.65 15.60 -6.31
N ASN B 349 9.89 16.05 -5.06
CA ASN B 349 9.07 17.11 -4.47
C ASN B 349 9.77 18.46 -4.60
N CYS B 350 8.98 19.52 -4.35
CA CYS B 350 9.48 20.87 -4.14
C CYS B 350 9.04 21.31 -2.76
N PRO B 351 9.94 21.26 -1.74
CA PRO B 351 9.54 21.44 -0.34
C PRO B 351 8.97 22.83 -0.09
N ASP B 352 9.52 23.81 -0.83
CA ASP B 352 9.00 25.17 -0.79
C ASP B 352 7.51 25.15 -1.11
N VAL B 353 7.09 24.26 -2.02
CA VAL B 353 5.71 24.19 -2.46
C VAL B 353 4.89 23.27 -1.56
N THR B 354 5.46 22.13 -1.13
CA THR B 354 4.67 21.14 -0.40
C THR B 354 4.66 21.41 1.09
N GLY B 355 5.65 22.15 1.61
CA GLY B 355 5.80 22.30 3.05
C GLY B 355 6.66 21.18 3.65
N ALA B 356 7.14 20.26 2.81
CA ALA B 356 8.02 19.20 3.29
C ALA B 356 9.26 19.85 3.93
N LEU B 357 9.98 19.05 4.70
CA LEU B 357 11.15 19.49 5.45
C LEU B 357 12.34 19.63 4.50
N GLY B 358 12.28 18.95 3.34
CA GLY B 358 13.31 19.12 2.32
C GLY B 358 13.08 18.26 1.07
N PRO B 359 14.10 18.16 0.18
CA PRO B 359 14.09 17.24 -0.95
C PRO B 359 14.00 15.77 -0.52
N ARG B 360 13.04 15.05 -1.12
CA ARG B 360 12.84 13.65 -0.82
C ARG B 360 12.78 12.87 -2.12
N THR B 361 13.42 11.70 -2.18
CA THR B 361 13.13 10.72 -3.21
C THR B 361 11.69 10.20 -3.06
N LEU B 362 10.86 10.40 -4.08
CA LEU B 362 9.46 10.01 -4.04
C LEU B 362 9.22 8.74 -4.83
N GLY B 363 8.56 7.78 -4.15
CA GLY B 363 7.98 6.59 -4.75
C GLY B 363 8.55 5.31 -4.15
N ALA B 364 8.01 4.19 -4.63
CA ALA B 364 8.58 2.88 -4.36
C ALA B 364 8.64 2.07 -5.66
N LEU B 365 9.61 1.14 -5.71
CA LEU B 365 9.87 0.35 -6.90
C LEU B 365 9.33 -1.07 -6.71
N TYR B 366 8.36 -1.44 -7.55
CA TYR B 366 7.88 -2.80 -7.67
C TYR B 366 8.43 -3.42 -8.94
N PRO B 367 9.52 -4.22 -8.85
CA PRO B 367 10.15 -4.76 -10.05
C PRO B 367 9.32 -5.89 -10.64
N ALA B 368 9.26 -5.91 -11.98
CA ALA B 368 8.67 -7.00 -12.75
C ALA B 368 9.43 -8.30 -12.50
PG ANP C . 2.50 -15.37 13.04
O1G ANP C . 1.92 -14.24 12.30
O2G ANP C . 4.05 -15.54 12.92
O3G ANP C . 1.87 -16.73 12.63
PB ANP C . 3.40 -14.44 15.62
O1B ANP C . 4.67 -14.17 14.95
O2B ANP C . 2.81 -13.14 16.22
N3B ANP C . 2.32 -15.18 14.65
PA ANP C . 5.18 -15.63 17.55
O1A ANP C . 5.98 -16.61 16.79
O2A ANP C . 5.77 -14.32 17.98
O3A ANP C . 3.74 -15.43 16.82
O5' ANP C . 4.69 -16.40 18.86
C5' ANP C . 4.00 -15.68 19.89
C4' ANP C . 3.19 -16.66 20.72
O4' ANP C . 4.04 -17.66 21.33
C3' ANP C . 2.47 -16.01 21.88
O3' ANP C . 1.27 -15.33 21.49
C2' ANP C . 2.22 -17.19 22.78
O2' ANP C . 1.02 -17.86 22.36
C1' ANP C . 3.41 -18.11 22.52
N9 ANP C . 4.34 -18.05 23.63
C8 ANP C . 5.33 -17.13 23.87
N7 ANP C . 6.01 -17.38 24.98
C5 ANP C . 5.42 -18.52 25.50
C6 ANP C . 5.66 -19.28 26.65
N6 ANP C . 6.63 -18.96 27.52
N1 ANP C . 4.86 -20.38 26.86
C2 ANP C . 3.91 -20.67 25.98
N3 ANP C . 3.58 -20.04 24.86
C4 ANP C . 4.38 -18.95 24.67
MG MG D . 5.14 -12.65 16.98
PG ANP E . -6.20 16.30 -11.52
O1G ANP E . -6.03 17.68 -11.98
O2G ANP E . -4.89 15.55 -11.11
O3G ANP E . -7.18 16.19 -10.32
PB ANP E . -8.32 15.09 -13.07
O1B ANP E . -8.57 13.77 -13.63
O2B ANP E . -9.20 15.33 -11.83
N3B ANP E . -6.74 15.34 -12.73
PA ANP E . -8.32 16.16 -15.75
O1A ANP E . -7.18 17.07 -15.95
O2A ANP E . -8.29 14.78 -16.34
O3A ANP E . -8.76 16.15 -14.18
O5' ANP E . -9.61 16.92 -16.35
C5' ANP E . -10.87 16.24 -16.45
C4' ANP E . -11.98 17.28 -16.55
O4' ANP E . -11.75 18.20 -17.64
C3' ANP E . -13.33 16.68 -16.85
O3' ANP E . -13.96 16.06 -15.71
C2' ANP E . -14.09 17.88 -17.35
O2' ANP E . -14.60 18.62 -16.22
C1' ANP E . -13.02 18.72 -18.03
N9 ANP E . -13.17 18.64 -19.47
C8 ANP E . -12.57 17.77 -20.34
N7 ANP E . -12.95 17.95 -21.61
C5 ANP E . -13.87 18.99 -21.55
C6 ANP E . -14.63 19.66 -22.51
N6 ANP E . -14.55 19.35 -23.81
N1 ANP E . -15.45 20.67 -22.08
C2 ANP E . -15.50 20.97 -20.79
N3 ANP E . -14.84 20.42 -19.78
C4 ANP E . -14.02 19.42 -20.23
MG MG F . -8.24 12.81 -15.61
#